data_4RSI
#
_entry.id   4RSI
#
_cell.length_a   185.259
_cell.length_b   49.707
_cell.length_c   154.283
_cell.angle_alpha   90.00
_cell.angle_beta   92.52
_cell.angle_gamma   90.00
#
_symmetry.space_group_name_H-M   'C 1 2 1'
#
loop_
_entity.id
_entity.type
_entity.pdbx_description
1 polymer 'Structural maintenance of chromosomes protein 2'
2 polymer 'Structural maintenance of chromosomes protein 4'
3 non-polymer 'PHOSPHATE ION'
4 water water
#
loop_
_entity_poly.entity_id
_entity_poly.type
_entity_poly.pdbx_seq_one_letter_code
_entity_poly.pdbx_strand_id
1 'polypeptide(L)'
;DGGYNAQLAKAKTELNEVSLAIKKSSMKMELLKKELLTIEPKLKEATKDNELNVKHVKQCQETCDKLRARLVEYGFDPSR
IKDLKQREDKLKSHYYQTCKNSEYLKRRVTNLEFNYTKPYPNFEASFVHGVVGQLFQIDNDNIRYATALQTCAGGRLFNV
VVQDSQTATQLLERGRLRKRVTIIPLDKIYTRPISSQVLDLAKKIAPGKVELAINLIRFDESITKAMEFIFGNSLICEDP
ETAKKITFHPKIRARSITLQGDVYDPEGTLSGGSRNTSESLLVDIQKYNQIQKQIETIQADLNHVTEELQTQYATSQKTK
TIQSDLNLSLHKLDLAKRNLDANPSSQIIARNEEILRDIGECENEIKTKQMSLKKCQEEVSTIEKDMKEYDSDKGSK
;
A
2 'polypeptide(L)'
;EKELEPWDLQLQEKESQIQLAESELSLLEETQAKLKKNVETLEEKILAKKTHKQELQDLILDLKKKLNSLKDERSQGEKN
FTSAHLKLKEMQKVLNAHRQRAMEARSSLSKAQNKSKVLTALSRLQKSGRINGFHGRLGDLGVIDDSFDVAISTACPRLD
DVVVDTVECAQHCIDYLRKNKLGYARFILLDRLRQFNLQPISTPENVPRLFDLVKPKNPKFSNAFYSVLRDTLVAQNLKQ
ANNVAYGKKRFRVVTVDGKLIDISGTMSGGGNHVAKGLMKLGTNQSDKVDDYTPEEVDKIERELSERENNFRVASDTVHE
MEEELKKLRDHEPDLESQISKAEMEADSLASELTLAEQQVKEAEMAYVKAVSDKAQLNVVMKNLERLRGEYNDLQSE
;
B
#
# COMPACT_ATOMS: atom_id res chain seq x y z
N LYS A 58 53.09 13.94 -11.62
CA LYS A 58 53.58 15.26 -11.22
C LYS A 58 52.54 16.00 -10.38
N GLN A 59 52.60 17.33 -10.38
CA GLN A 59 51.64 18.15 -9.64
C GLN A 59 50.21 18.01 -10.19
N CYS A 60 50.08 17.43 -11.39
CA CYS A 60 48.76 17.17 -11.96
C CYS A 60 48.00 16.06 -11.21
N GLN A 61 48.60 14.87 -11.09
CA GLN A 61 47.95 13.74 -10.43
C GLN A 61 47.97 13.82 -8.89
N GLU A 62 48.50 14.93 -8.36
CA GLU A 62 48.58 15.16 -6.93
C GLU A 62 47.56 16.20 -6.43
N THR A 63 47.45 17.32 -7.13
CA THR A 63 46.46 18.35 -6.78
C THR A 63 45.05 17.74 -6.77
N CYS A 64 44.80 16.86 -7.74
CA CYS A 64 43.53 16.13 -7.85
C CYS A 64 43.32 15.15 -6.70
N ASP A 65 44.33 14.30 -6.47
CA ASP A 65 44.24 13.28 -5.43
C ASP A 65 44.03 13.90 -4.05
N LYS A 66 44.70 15.00 -3.76
CA LYS A 66 44.58 15.71 -2.47
C LYS A 66 43.14 16.18 -2.22
N LEU A 67 42.49 16.62 -3.28
CA LEU A 67 41.09 17.04 -3.22
C LEU A 67 40.15 15.83 -3.30
N ARG A 68 40.59 14.77 -3.98
CA ARG A 68 39.78 13.57 -4.14
C ARG A 68 39.66 12.77 -2.84
N ALA A 69 40.77 12.64 -2.12
CA ALA A 69 40.79 11.95 -0.84
C ALA A 69 40.20 12.82 0.26
N ARG A 70 39.99 14.10 -0.03
CA ARG A 70 39.33 15.00 0.89
C ARG A 70 37.82 14.82 0.84
N LEU A 71 37.33 14.22 -0.25
CA LEU A 71 35.90 13.90 -0.36
C LEU A 71 35.52 12.65 0.45
N VAL A 72 36.40 11.63 0.46
CA VAL A 72 36.18 10.39 1.22
C VAL A 72 36.16 10.63 2.75
N GLU A 73 37.04 11.51 3.21
CA GLU A 73 37.04 11.93 4.60
C GLU A 73 35.78 12.73 4.98
N TYR A 74 35.19 13.43 4.02
CA TYR A 74 33.93 14.16 4.26
C TYR A 74 32.71 13.23 4.18
N GLY A 75 32.91 12.02 3.67
CA GLY A 75 31.84 11.04 3.59
C GLY A 75 30.94 11.09 2.36
N PHE A 76 31.47 11.60 1.24
CA PHE A 76 30.73 11.64 -0.03
C PHE A 76 31.22 10.59 -1.05
N ASP A 77 30.27 9.84 -1.62
CA ASP A 77 30.60 8.83 -2.63
C ASP A 77 29.49 8.71 -3.69
N PRO A 78 29.81 9.07 -4.95
CA PRO A 78 28.89 9.05 -6.11
C PRO A 78 28.34 7.67 -6.46
N SER A 79 29.14 6.62 -6.27
CA SER A 79 28.75 5.26 -6.61
C SER A 79 27.74 4.68 -5.61
N ARG A 80 27.76 5.20 -4.38
CA ARG A 80 26.73 4.86 -3.39
C ARG A 80 25.40 5.56 -3.73
N ILE A 81 25.34 6.88 -3.52
CA ILE A 81 24.14 7.68 -3.81
C ILE A 81 23.40 7.25 -5.07
N LYS A 82 24.16 6.76 -6.05
CA LYS A 82 23.59 6.21 -7.27
C LYS A 82 22.87 4.90 -6.95
N ASP A 83 23.59 3.98 -6.31
CA ASP A 83 23.07 2.65 -6.00
C ASP A 83 21.80 2.63 -5.15
N LEU A 84 21.61 3.67 -4.32
CA LEU A 84 20.41 3.83 -3.50
C LEU A 84 19.17 4.13 -4.35
N LYS A 85 19.26 5.13 -5.23
CA LYS A 85 18.15 5.46 -6.11
C LYS A 85 17.74 4.26 -6.99
N GLN A 86 18.66 3.32 -7.19
CA GLN A 86 18.35 2.09 -7.92
C GLN A 86 17.33 1.29 -7.13
N ARG A 87 17.53 1.22 -5.81
CA ARG A 87 16.59 0.56 -4.92
C ARG A 87 15.30 1.37 -4.78
N GLU A 88 15.42 2.57 -4.21
CA GLU A 88 14.25 3.43 -3.97
C GLU A 88 13.28 3.48 -5.15
N ASP A 89 13.82 3.54 -6.36
CA ASP A 89 12.96 3.60 -7.55
C ASP A 89 12.17 2.30 -7.69
N LYS A 90 12.75 1.18 -7.24
CA LYS A 90 12.10 -0.11 -7.37
C LYS A 90 11.25 -0.47 -6.14
N LEU A 91 11.45 0.27 -5.05
CA LEU A 91 10.65 0.07 -3.83
C LEU A 91 9.38 0.89 -3.87
N LYS A 92 9.44 2.07 -4.49
CA LYS A 92 8.25 2.88 -4.69
C LYS A 92 7.33 2.22 -5.71
N SER A 93 7.90 1.41 -6.60
CA SER A 93 7.12 0.82 -7.67
C SER A 93 6.77 -0.61 -7.34
N HIS A 94 7.11 -1.00 -6.12
CA HIS A 94 6.64 -2.28 -5.61
C HIS A 94 5.50 -1.96 -4.66
N TYR A 95 5.72 -0.96 -3.81
CA TYR A 95 4.69 -0.41 -2.96
C TYR A 95 3.44 -0.13 -3.78
N TYR A 96 3.55 0.71 -4.79
CA TYR A 96 2.42 1.02 -5.66
C TYR A 96 1.83 -0.24 -6.30
N GLN A 97 2.71 -1.15 -6.71
CA GLN A 97 2.22 -2.32 -7.40
C GLN A 97 1.43 -3.20 -6.45
N THR A 98 1.98 -3.46 -5.27
CA THR A 98 1.28 -4.27 -4.28
C THR A 98 -0.08 -3.69 -3.93
N CYS A 99 -0.11 -2.43 -3.48
CA CYS A 99 -1.35 -1.73 -3.19
C CYS A 99 -2.39 -1.86 -4.29
N LYS A 100 -2.00 -1.52 -5.52
CA LYS A 100 -2.89 -1.56 -6.69
C LYS A 100 -3.57 -2.92 -6.80
N ASN A 101 -2.73 -3.96 -6.65
CA ASN A 101 -3.14 -5.36 -6.78
C ASN A 101 -4.00 -5.83 -5.61
N SER A 102 -4.22 -4.96 -4.63
CA SER A 102 -4.95 -5.33 -3.41
C SER A 102 -6.27 -4.63 -3.27
N GLU A 103 -6.39 -3.47 -3.91
CA GLU A 103 -7.59 -2.67 -3.85
C GLU A 103 -8.86 -3.50 -4.11
N TYR A 104 -8.76 -4.50 -4.98
CA TYR A 104 -9.93 -5.32 -5.28
C TYR A 104 -10.42 -5.92 -3.98
N LEU A 105 -9.47 -6.32 -3.15
CA LEU A 105 -9.73 -7.08 -1.94
C LEU A 105 -10.29 -6.16 -0.86
N LYS A 106 -9.70 -4.98 -0.72
CA LYS A 106 -10.16 -3.92 0.19
C LYS A 106 -11.65 -3.58 0.06
N ARG A 107 -12.25 -3.87 -1.08
CA ARG A 107 -13.67 -3.56 -1.27
C ARG A 107 -14.59 -4.48 -0.48
N ARG A 108 -14.19 -5.75 -0.33
CA ARG A 108 -15.02 -6.75 0.31
C ARG A 108 -14.78 -6.83 1.82
N VAL A 109 -13.76 -6.15 2.30
CA VAL A 109 -13.36 -6.24 3.69
C VAL A 109 -13.50 -4.84 4.32
N THR A 110 -14.74 -4.40 4.50
CA THR A 110 -14.97 -2.98 4.78
C THR A 110 -15.09 -2.74 6.27
N ASN A 111 -15.84 -3.60 6.93
CA ASN A 111 -16.03 -3.50 8.36
C ASN A 111 -14.76 -3.75 9.17
N LEU A 112 -13.61 -3.92 8.52
CA LEU A 112 -12.41 -4.12 9.30
C LEU A 112 -11.86 -2.78 9.80
N GLU A 113 -12.47 -1.68 9.38
CA GLU A 113 -11.90 -0.36 9.63
C GLU A 113 -12.66 0.35 10.74
N PHE A 114 -11.95 0.75 11.79
CA PHE A 114 -12.53 1.56 12.87
C PHE A 114 -12.13 3.04 12.76
N ASN A 115 -13.10 3.92 12.45
CA ASN A 115 -12.86 5.38 12.45
C ASN A 115 -13.19 6.09 13.78
N TYR A 116 -12.20 6.66 14.46
CA TYR A 116 -12.51 7.51 15.62
C TYR A 116 -11.70 8.80 15.71
N THR A 117 -12.36 9.91 16.04
CA THR A 117 -11.61 11.14 16.35
C THR A 117 -11.15 11.18 17.81
N LYS A 118 -9.88 11.53 18.00
CA LYS A 118 -9.22 11.45 19.29
C LYS A 118 -10.08 12.22 20.26
N PRO A 119 -10.46 11.58 21.37
CA PRO A 119 -11.42 12.26 22.26
C PRO A 119 -10.79 13.45 23.04
N TYR A 120 -9.54 13.28 23.43
CA TYR A 120 -8.81 14.18 24.33
C TYR A 120 -7.35 14.20 23.91
N PRO A 121 -6.67 15.36 24.04
CA PRO A 121 -5.25 15.48 23.65
C PRO A 121 -4.31 14.54 24.41
N ASN A 122 -4.75 14.12 25.59
CA ASN A 122 -3.92 13.29 26.46
C ASN A 122 -4.49 11.88 26.59
N PHE A 123 -5.47 11.58 25.74
CA PHE A 123 -6.04 10.25 25.54
C PHE A 123 -5.06 9.32 24.86
N GLU A 124 -4.71 8.23 25.53
CA GLU A 124 -3.78 7.25 24.98
C GLU A 124 -4.40 6.54 23.77
N ALA A 125 -3.68 6.53 22.65
CA ALA A 125 -4.17 5.88 21.43
C ALA A 125 -3.68 4.44 21.41
N SER A 126 -2.80 4.13 22.35
CA SER A 126 -2.32 2.77 22.54
C SER A 126 -3.21 2.07 23.53
N PHE A 127 -4.49 2.45 23.57
CA PHE A 127 -5.43 1.80 24.46
C PHE A 127 -6.54 1.24 23.60
N VAL A 128 -6.41 1.44 22.30
CA VAL A 128 -7.34 0.87 21.34
C VAL A 128 -6.57 -0.11 20.49
N HIS A 129 -6.82 -1.41 20.71
CA HIS A 129 -6.05 -2.46 20.07
C HIS A 129 -6.41 -2.70 18.60
N GLY A 130 -7.68 -2.52 18.27
CA GLY A 130 -8.08 -2.63 16.89
C GLY A 130 -9.43 -3.31 16.78
N VAL A 131 -9.73 -3.80 15.58
CA VAL A 131 -10.89 -4.66 15.35
C VAL A 131 -10.44 -6.11 15.48
N VAL A 132 -11.27 -6.92 16.15
CA VAL A 132 -11.05 -8.36 16.28
C VAL A 132 -10.57 -8.98 14.98
N GLY A 133 -11.35 -8.78 13.92
CA GLY A 133 -11.03 -9.30 12.59
C GLY A 133 -9.59 -9.22 12.12
N GLN A 134 -8.86 -8.24 12.62
CA GLN A 134 -7.47 -8.12 12.26
C GLN A 134 -6.55 -8.35 13.46
N LEU A 135 -7.06 -9.01 14.48
CA LEU A 135 -6.29 -9.21 15.70
C LEU A 135 -5.88 -10.65 15.99
N PHE A 136 -6.34 -11.60 15.16
CA PHE A 136 -5.99 -13.05 15.23
C PHE A 136 -5.85 -13.58 13.82
N GLN A 137 -4.94 -14.52 13.63
CA GLN A 137 -4.70 -15.06 12.29
C GLN A 137 -4.92 -16.59 12.27
N ILE A 138 -5.16 -17.16 11.10
CA ILE A 138 -5.31 -18.62 11.02
C ILE A 138 -4.16 -19.26 10.24
N ASP A 139 -3.50 -20.24 10.85
CA ASP A 139 -2.48 -21.01 10.11
C ASP A 139 -3.09 -21.70 8.85
N ASN A 140 -2.28 -21.98 7.83
CA ASN A 140 -2.83 -22.53 6.58
C ASN A 140 -3.49 -23.89 6.77
N ASP A 141 -2.77 -24.82 7.40
CA ASP A 141 -3.39 -26.03 7.95
C ASP A 141 -4.86 -25.82 8.27
N ASN A 142 -5.12 -24.81 9.08
CA ASN A 142 -6.43 -24.57 9.65
C ASN A 142 -7.46 -23.81 8.83
N ILE A 143 -7.04 -23.21 7.70
CA ILE A 143 -7.99 -22.55 6.80
C ILE A 143 -9.33 -23.29 6.57
N ARG A 144 -9.27 -24.61 6.54
CA ARG A 144 -10.45 -25.38 6.20
C ARG A 144 -11.54 -25.21 7.25
N TYR A 145 -11.20 -24.47 8.30
CA TYR A 145 -12.10 -24.20 9.40
C TYR A 145 -12.61 -22.79 9.36
N ALA A 146 -12.28 -22.03 8.32
CA ALA A 146 -12.70 -20.62 8.29
C ALA A 146 -14.19 -20.55 8.60
N THR A 147 -14.98 -20.90 7.60
CA THR A 147 -16.43 -20.97 7.71
C THR A 147 -16.91 -21.33 9.13
N ALA A 148 -16.29 -22.33 9.76
CA ALA A 148 -16.56 -22.55 11.19
C ALA A 148 -16.26 -21.31 12.02
N LEU A 149 -14.97 -20.99 12.15
CA LEU A 149 -14.53 -19.90 12.99
C LEU A 149 -15.30 -18.62 12.72
N GLN A 150 -15.59 -18.33 11.46
CA GLN A 150 -16.35 -17.15 11.12
C GLN A 150 -17.73 -17.20 11.75
N THR A 151 -18.47 -18.28 11.55
CA THR A 151 -19.72 -18.47 12.30
C THR A 151 -19.55 -18.34 13.82
N CYS A 152 -18.64 -19.11 14.41
CA CYS A 152 -18.43 -19.04 15.85
C CYS A 152 -18.32 -17.62 16.36
N ALA A 153 -17.56 -16.79 15.66
CA ALA A 153 -17.39 -15.40 16.06
C ALA A 153 -18.64 -14.61 15.74
N GLY A 154 -19.12 -14.77 14.50
CA GLY A 154 -20.25 -14.00 14.02
C GLY A 154 -19.89 -12.53 13.90
N GLY A 155 -20.72 -11.66 14.47
CA GLY A 155 -20.51 -10.23 14.43
C GLY A 155 -19.34 -9.76 15.27
N ARG A 156 -19.02 -10.51 16.33
CA ARG A 156 -17.87 -10.17 17.17
C ARG A 156 -16.53 -10.01 16.42
N LEU A 157 -16.49 -10.48 15.17
CA LEU A 157 -15.39 -10.22 14.24
C LEU A 157 -15.08 -8.75 14.07
N PHE A 158 -16.09 -7.91 14.16
CA PHE A 158 -15.92 -6.46 13.97
C PHE A 158 -16.00 -5.64 15.27
N ASN A 159 -16.06 -6.34 16.38
CA ASN A 159 -15.95 -5.71 17.69
C ASN A 159 -14.60 -5.00 17.78
N VAL A 160 -14.54 -3.87 18.48
CA VAL A 160 -13.25 -3.22 18.77
C VAL A 160 -12.72 -3.60 20.15
N VAL A 161 -11.45 -3.93 20.22
CA VAL A 161 -10.84 -4.28 21.49
C VAL A 161 -10.09 -3.09 22.08
N VAL A 162 -10.54 -2.63 23.26
CA VAL A 162 -9.90 -1.49 23.96
C VAL A 162 -9.30 -1.86 25.32
N GLN A 163 -8.40 -1.02 25.81
CA GLN A 163 -7.68 -1.34 27.05
C GLN A 163 -8.58 -1.48 28.25
N ASP A 164 -9.53 -0.56 28.41
CA ASP A 164 -10.35 -0.55 29.62
C ASP A 164 -11.67 0.17 29.43
N SER A 165 -12.64 -0.20 30.26
CA SER A 165 -14.02 0.21 30.09
C SER A 165 -14.21 1.70 29.89
N GLN A 166 -13.29 2.48 30.44
CA GLN A 166 -13.36 3.93 30.34
C GLN A 166 -13.12 4.34 28.89
N THR A 167 -12.05 3.80 28.33
CA THR A 167 -11.68 4.10 26.96
C THR A 167 -12.86 3.80 26.02
N ALA A 168 -13.62 2.77 26.35
CA ALA A 168 -14.81 2.43 25.58
C ALA A 168 -15.84 3.56 25.61
N THR A 169 -16.14 4.01 26.83
CA THR A 169 -17.12 5.07 27.08
C THR A 169 -16.73 6.37 26.43
N GLN A 170 -15.44 6.69 26.50
CA GLN A 170 -14.93 7.85 25.77
C GLN A 170 -15.19 7.73 24.26
N LEU A 171 -14.81 6.58 23.69
CA LEU A 171 -14.94 6.39 22.27
C LEU A 171 -16.40 6.56 21.87
N LEU A 172 -17.27 5.89 22.61
CA LEU A 172 -18.69 6.01 22.34
C LEU A 172 -19.18 7.45 22.27
N GLU A 173 -18.91 8.26 23.31
CA GLU A 173 -19.47 9.61 23.37
C GLU A 173 -18.65 10.71 22.64
N ARG A 174 -17.42 10.93 23.08
CA ARG A 174 -16.59 11.98 22.51
C ARG A 174 -15.63 11.47 21.45
N GLY A 175 -16.13 10.74 20.46
CA GLY A 175 -15.25 10.11 19.49
C GLY A 175 -15.82 10.16 18.10
N ARG A 176 -17.09 10.56 18.01
CA ARG A 176 -17.76 10.82 16.74
C ARG A 176 -17.85 9.57 15.89
N LEU A 177 -18.46 8.51 16.40
CA LEU A 177 -18.48 7.26 15.64
C LEU A 177 -19.45 7.26 14.46
N ARG A 178 -18.90 7.10 13.26
CA ARG A 178 -19.65 7.19 12.02
C ARG A 178 -20.81 6.19 11.96
N LYS A 179 -20.59 5.00 12.51
CA LYS A 179 -21.63 3.98 12.56
C LYS A 179 -21.45 3.13 13.80
N ARG A 180 -22.55 2.49 14.23
CA ARG A 180 -22.62 1.69 15.45
C ARG A 180 -21.49 0.69 15.66
N VAL A 181 -20.79 0.76 16.79
CA VAL A 181 -19.77 -0.27 17.08
C VAL A 181 -19.88 -0.96 18.48
N THR A 182 -19.67 -2.28 18.55
CA THR A 182 -19.60 -2.97 19.84
C THR A 182 -18.15 -3.03 20.38
N ILE A 183 -17.94 -2.79 21.67
CA ILE A 183 -16.57 -2.58 22.14
C ILE A 183 -16.26 -3.47 23.32
N ILE A 184 -15.29 -4.34 23.15
CA ILE A 184 -14.96 -5.34 24.17
C ILE A 184 -13.89 -4.75 25.04
N PRO A 185 -14.22 -4.43 26.28
CA PRO A 185 -13.25 -3.77 27.17
C PRO A 185 -12.41 -4.74 27.95
N LEU A 186 -11.15 -4.86 27.58
CA LEU A 186 -10.27 -5.89 28.16
C LEU A 186 -10.22 -6.05 29.68
N ASP A 187 -10.84 -5.14 30.44
CA ASP A 187 -10.67 -5.15 31.88
C ASP A 187 -11.98 -5.42 32.57
N LYS A 188 -13.00 -5.74 31.79
CA LYS A 188 -14.35 -5.91 32.31
C LYS A 188 -14.99 -7.23 31.85
N ILE A 189 -14.52 -7.76 30.70
CA ILE A 189 -15.07 -8.97 30.10
C ILE A 189 -14.81 -10.18 30.94
N TYR A 190 -15.78 -11.08 30.95
CA TYR A 190 -15.63 -12.32 31.66
C TYR A 190 -16.41 -13.37 30.88
N THR A 191 -15.82 -14.55 30.77
CA THR A 191 -16.50 -15.72 30.20
C THR A 191 -15.94 -16.95 30.85
N ARG A 192 -16.82 -17.85 31.29
CA ARG A 192 -16.36 -19.13 31.78
C ARG A 192 -15.88 -19.93 30.58
N PRO A 193 -14.56 -20.16 30.48
CA PRO A 193 -13.96 -20.93 29.39
C PRO A 193 -14.21 -22.44 29.57
N ILE A 194 -14.41 -23.17 28.46
CA ILE A 194 -14.56 -24.62 28.55
C ILE A 194 -13.25 -25.19 29.06
N SER A 195 -13.35 -26.02 30.11
CA SER A 195 -12.19 -26.55 30.86
C SER A 195 -11.33 -27.57 30.13
N SER A 196 -10.25 -28.02 30.78
CA SER A 196 -9.48 -29.16 30.29
C SER A 196 -10.42 -30.35 30.15
N GLN A 197 -11.04 -30.72 31.25
CA GLN A 197 -11.79 -31.95 31.34
C GLN A 197 -12.91 -32.05 30.32
N VAL A 198 -13.60 -30.95 30.07
CA VAL A 198 -14.72 -31.02 29.15
C VAL A 198 -14.22 -31.22 27.73
N LEU A 199 -13.14 -30.54 27.36
CA LEU A 199 -12.53 -30.68 26.04
C LEU A 199 -12.02 -32.11 25.93
N ASP A 200 -11.53 -32.64 27.05
CA ASP A 200 -10.96 -33.97 27.10
C ASP A 200 -12.00 -35.06 26.94
N LEU A 201 -13.17 -34.80 27.49
CA LEU A 201 -14.33 -35.66 27.31
C LEU A 201 -14.85 -35.52 25.87
N ALA A 202 -14.90 -34.31 25.37
CA ALA A 202 -15.39 -34.12 24.02
C ALA A 202 -14.51 -34.87 23.03
N LYS A 203 -13.24 -35.01 23.37
CA LYS A 203 -12.32 -35.64 22.43
C LYS A 203 -12.50 -37.17 22.39
N LYS A 204 -12.86 -37.75 23.54
CA LYS A 204 -13.13 -39.17 23.63
C LYS A 204 -14.47 -39.55 23.01
N ILE A 205 -15.50 -38.73 23.23
CA ILE A 205 -16.78 -38.98 22.58
C ILE A 205 -16.68 -38.92 21.04
N ALA A 206 -15.74 -38.16 20.51
CA ALA A 206 -15.64 -38.08 19.06
C ALA A 206 -14.24 -37.75 18.60
N PRO A 207 -13.36 -38.77 18.60
CA PRO A 207 -11.93 -38.66 18.33
C PRO A 207 -11.61 -38.06 16.97
N GLY A 208 -10.63 -37.17 16.99
CA GLY A 208 -10.22 -36.44 15.80
C GLY A 208 -11.36 -35.77 15.06
N LYS A 209 -12.48 -35.54 15.73
CA LYS A 209 -13.55 -34.74 15.15
C LYS A 209 -14.01 -33.51 15.99
N VAL A 210 -13.37 -33.19 17.12
CA VAL A 210 -13.75 -32.03 17.96
C VAL A 210 -12.57 -31.14 18.33
N GLU A 211 -12.75 -29.82 18.21
CA GLU A 211 -11.71 -28.88 18.65
C GLU A 211 -12.25 -27.56 19.22
N LEU A 212 -11.66 -27.10 20.32
CA LEU A 212 -12.04 -25.83 20.95
C LEU A 212 -11.58 -24.75 19.99
N ALA A 213 -12.46 -23.79 19.68
CA ALA A 213 -12.18 -22.92 18.52
C ALA A 213 -11.00 -22.05 18.82
N ILE A 214 -10.76 -21.72 20.08
CA ILE A 214 -9.59 -20.93 20.37
C ILE A 214 -8.29 -21.66 20.01
N ASN A 215 -8.35 -22.96 19.78
CA ASN A 215 -7.12 -23.65 19.48
C ASN A 215 -6.78 -23.68 18.01
N LEU A 216 -7.66 -23.10 17.22
CA LEU A 216 -7.48 -23.06 15.78
C LEU A 216 -6.94 -21.71 15.29
N ILE A 217 -6.65 -20.78 16.20
CA ILE A 217 -6.19 -19.44 15.78
C ILE A 217 -4.96 -19.06 16.54
N ARG A 218 -4.40 -17.93 16.16
CA ARG A 218 -3.20 -17.39 16.80
C ARG A 218 -3.37 -15.88 17.09
N PHE A 219 -2.90 -15.48 18.27
CA PHE A 219 -3.10 -14.13 18.75
C PHE A 219 -2.08 -13.83 19.85
N ASP A 220 -1.74 -12.55 20.03
CA ASP A 220 -0.78 -12.13 21.05
C ASP A 220 -1.48 -12.14 22.40
N GLU A 221 -0.79 -12.68 23.40
CA GLU A 221 -1.32 -12.80 24.76
C GLU A 221 -1.94 -11.50 25.29
N SER A 222 -1.41 -10.37 24.85
CA SER A 222 -1.91 -9.05 25.23
C SER A 222 -3.42 -8.85 25.04
N ILE A 223 -4.05 -9.70 24.23
CA ILE A 223 -5.49 -9.56 24.05
C ILE A 223 -6.26 -10.87 24.30
N THR A 224 -5.53 -11.87 24.83
CA THR A 224 -6.08 -13.16 25.26
C THR A 224 -7.56 -13.10 25.67
N LYS A 225 -7.86 -12.21 26.61
CA LYS A 225 -9.20 -12.12 27.15
C LYS A 225 -10.24 -11.81 26.08
N ALA A 226 -9.86 -11.10 25.04
CA ALA A 226 -10.84 -10.79 24.01
C ALA A 226 -11.11 -12.03 23.15
N MET A 227 -10.05 -12.80 22.87
CA MET A 227 -10.18 -14.05 22.14
C MET A 227 -10.90 -15.07 23.03
N GLU A 228 -10.48 -15.18 24.29
CA GLU A 228 -11.15 -16.10 25.20
C GLU A 228 -12.65 -15.80 25.17
N PHE A 229 -13.00 -14.54 25.22
CA PHE A 229 -14.39 -14.17 25.14
C PHE A 229 -15.07 -14.66 23.84
N ILE A 230 -14.39 -14.56 22.70
CA ILE A 230 -15.04 -14.82 21.43
C ILE A 230 -15.02 -16.31 21.06
N PHE A 231 -13.91 -16.98 21.36
CA PHE A 231 -13.72 -18.34 20.90
C PHE A 231 -13.64 -19.38 22.02
N GLY A 232 -13.15 -19.01 23.19
CA GLY A 232 -12.84 -19.99 24.23
C GLY A 232 -13.95 -20.86 24.74
N ASN A 233 -15.12 -20.81 24.10
CA ASN A 233 -16.29 -21.56 24.55
C ASN A 233 -17.09 -22.20 23.42
N SER A 234 -16.44 -22.46 22.30
CA SER A 234 -17.05 -23.20 21.20
C SER A 234 -16.19 -24.42 20.86
N LEU A 235 -16.88 -25.53 20.58
CA LEU A 235 -16.25 -26.70 19.99
C LEU A 235 -16.60 -26.71 18.47
N ILE A 236 -15.58 -26.72 17.59
CA ILE A 236 -15.82 -26.95 16.17
C ILE A 236 -15.87 -28.46 15.88
N CYS A 237 -16.81 -28.90 15.04
CA CYS A 237 -17.08 -30.34 14.84
C CYS A 237 -17.19 -30.67 13.36
N GLU A 238 -16.78 -31.88 12.97
CA GLU A 238 -16.68 -32.22 11.54
C GLU A 238 -18.04 -32.27 10.85
N ASP A 239 -19.08 -32.42 11.64
CA ASP A 239 -20.36 -32.77 11.08
C ASP A 239 -21.47 -32.70 12.11
N PRO A 240 -22.69 -32.45 11.64
CA PRO A 240 -23.86 -32.27 12.51
C PRO A 240 -23.97 -33.42 13.53
N GLU A 241 -23.78 -34.64 13.04
CA GLU A 241 -23.82 -35.84 13.89
C GLU A 241 -22.94 -35.64 15.11
N THR A 242 -21.71 -35.19 14.90
CA THR A 242 -20.81 -34.97 16.01
C THR A 242 -21.36 -33.86 16.90
N ALA A 243 -21.85 -32.77 16.31
CA ALA A 243 -22.29 -31.63 17.09
C ALA A 243 -23.32 -32.05 18.12
N LYS A 244 -24.51 -32.34 17.60
CA LYS A 244 -25.60 -32.99 18.33
C LYS A 244 -25.06 -33.78 19.52
N LYS A 245 -24.30 -34.82 19.20
CA LYS A 245 -23.68 -35.66 20.20
C LYS A 245 -22.95 -34.88 21.32
N ILE A 246 -22.08 -33.93 20.96
CA ILE A 246 -21.28 -33.30 22.01
C ILE A 246 -22.07 -32.30 22.84
N THR A 247 -22.73 -31.37 22.16
CA THR A 247 -23.43 -30.25 22.81
C THR A 247 -24.45 -30.78 23.81
N PHE A 248 -25.34 -31.60 23.29
CA PHE A 248 -26.37 -32.19 24.12
C PHE A 248 -25.79 -33.50 24.63
N HIS A 249 -25.06 -33.38 25.75
CA HIS A 249 -24.47 -34.51 26.48
C HIS A 249 -24.19 -34.02 27.87
N PRO A 250 -24.86 -34.63 28.86
CA PRO A 250 -24.81 -34.35 30.30
C PRO A 250 -23.57 -33.61 30.83
N LYS A 251 -22.35 -34.13 30.62
CA LYS A 251 -21.19 -33.47 31.23
C LYS A 251 -20.51 -32.41 30.36
N ILE A 252 -20.87 -32.37 29.08
CA ILE A 252 -20.27 -31.46 28.13
C ILE A 252 -21.38 -30.60 27.56
N ARG A 253 -21.69 -29.49 28.19
CA ARG A 253 -22.72 -28.67 27.57
C ARG A 253 -22.09 -27.43 26.97
N ALA A 254 -21.61 -27.59 25.74
CA ALA A 254 -20.83 -26.59 25.06
C ALA A 254 -21.47 -26.22 23.72
N ARG A 255 -21.17 -25.04 23.21
CA ARG A 255 -21.67 -24.62 21.92
C ARG A 255 -20.91 -25.40 20.85
N SER A 256 -21.55 -25.76 19.76
CA SER A 256 -20.84 -26.55 18.75
C SER A 256 -21.05 -26.04 17.33
N ILE A 257 -19.96 -25.88 16.59
CA ILE A 257 -20.14 -25.37 15.25
C ILE A 257 -19.73 -26.41 14.23
N THR A 258 -20.72 -26.75 13.42
CA THR A 258 -20.55 -27.62 12.30
C THR A 258 -19.62 -26.96 11.32
N LEU A 259 -18.50 -27.62 11.08
CA LEU A 259 -17.61 -27.33 9.96
C LEU A 259 -18.25 -26.65 8.76
N GLN A 260 -19.48 -27.02 8.41
CA GLN A 260 -20.18 -26.35 7.32
C GLN A 260 -20.97 -25.10 7.72
N GLY A 261 -20.91 -24.70 8.99
CA GLY A 261 -21.49 -23.41 9.37
C GLY A 261 -22.78 -23.41 10.18
N ASP A 262 -23.13 -24.53 10.82
CA ASP A 262 -24.38 -24.64 11.58
C ASP A 262 -24.03 -24.75 13.04
N VAL A 263 -24.94 -24.31 13.90
CA VAL A 263 -24.62 -24.15 15.33
C VAL A 263 -25.64 -24.86 16.20
N TYR A 264 -25.14 -25.64 17.16
CA TYR A 264 -25.98 -26.31 18.13
C TYR A 264 -25.58 -25.69 19.47
N ASP A 265 -26.51 -24.92 20.04
CA ASP A 265 -26.30 -24.19 21.30
C ASP A 265 -27.14 -24.88 22.33
N PRO A 266 -26.55 -25.19 23.50
CA PRO A 266 -27.29 -25.89 24.55
C PRO A 266 -28.34 -25.00 25.25
N GLU A 267 -29.10 -24.26 24.46
CA GLU A 267 -30.13 -23.40 24.98
C GLU A 267 -31.30 -23.36 24.03
N GLY A 268 -31.62 -24.50 23.46
CA GLY A 268 -32.75 -24.62 22.55
C GLY A 268 -32.52 -23.87 21.26
N THR A 269 -31.26 -23.77 20.84
CA THR A 269 -30.91 -23.04 19.64
C THR A 269 -30.24 -23.94 18.61
N LEU A 270 -30.78 -23.97 17.40
CA LEU A 270 -30.12 -24.64 16.28
C LEU A 270 -30.18 -23.76 15.03
N SER A 271 -29.03 -23.33 14.53
CA SER A 271 -29.01 -22.61 13.24
C SER A 271 -29.01 -23.59 12.04
N GLY A 272 -28.80 -23.09 10.82
CA GLY A 272 -28.87 -23.91 9.62
C GLY A 272 -29.57 -23.25 8.44
N GLY A 273 -29.38 -23.79 7.24
CA GLY A 273 -30.04 -23.30 6.03
C GLY A 273 -29.05 -22.91 4.94
N SER A 274 -29.55 -22.64 3.74
CA SER A 274 -28.67 -22.31 2.61
C SER A 274 -27.82 -21.05 2.81
N ARG A 275 -26.50 -21.23 2.85
CA ARG A 275 -25.56 -20.12 2.62
C ARG A 275 -24.12 -20.53 2.32
N GLU A 279 -15.47 -20.65 1.42
CA GLU A 279 -14.77 -19.38 1.26
C GLU A 279 -15.74 -18.18 1.27
N SER A 280 -15.63 -17.36 2.31
CA SER A 280 -16.42 -16.12 2.42
C SER A 280 -15.58 -14.98 3.00
N LEU A 281 -16.12 -14.36 4.05
CA LEU A 281 -15.50 -13.17 4.65
C LEU A 281 -14.21 -13.47 5.38
N LEU A 282 -14.26 -14.37 6.36
CA LEU A 282 -13.15 -14.56 7.27
C LEU A 282 -11.86 -14.89 6.52
N VAL A 283 -12.00 -15.34 5.27
CA VAL A 283 -10.85 -15.66 4.39
C VAL A 283 -10.20 -14.46 3.72
N ASP A 284 -11.03 -13.59 3.14
CA ASP A 284 -10.56 -12.37 2.51
C ASP A 284 -9.90 -11.49 3.58
N ILE A 285 -10.46 -11.52 4.78
CA ILE A 285 -9.91 -10.79 5.90
C ILE A 285 -8.48 -11.24 6.18
N GLN A 286 -8.29 -12.55 6.27
CA GLN A 286 -6.96 -13.12 6.49
C GLN A 286 -6.03 -12.71 5.36
N LYS A 287 -6.56 -12.70 4.14
CA LYS A 287 -5.78 -12.35 2.96
C LYS A 287 -5.37 -10.88 2.99
N TYR A 288 -6.34 -10.06 3.35
CA TYR A 288 -6.14 -8.63 3.48
C TYR A 288 -5.13 -8.34 4.58
N ASN A 289 -5.27 -8.98 5.74
CA ASN A 289 -4.31 -8.81 6.81
C ASN A 289 -2.88 -9.10 6.38
N GLN A 290 -2.68 -10.21 5.68
CA GLN A 290 -1.36 -10.55 5.13
C GLN A 290 -0.83 -9.36 4.30
N ILE A 291 -1.45 -9.17 3.13
CA ILE A 291 -1.15 -8.03 2.25
C ILE A 291 -0.90 -6.72 3.00
N GLN A 292 -1.75 -6.40 3.96
CA GLN A 292 -1.56 -5.13 4.68
C GLN A 292 -0.30 -5.11 5.52
N LYS A 293 0.29 -6.28 5.79
CA LYS A 293 1.53 -6.33 6.57
C LYS A 293 2.73 -6.24 5.63
N GLN A 294 2.74 -7.12 4.64
CA GLN A 294 3.63 -7.02 3.46
C GLN A 294 3.90 -5.57 3.04
N ILE A 295 2.84 -4.75 3.04
CA ILE A 295 2.93 -3.35 2.69
C ILE A 295 3.66 -2.55 3.78
N GLU A 296 3.25 -2.71 5.04
CA GLU A 296 3.89 -2.02 6.17
C GLU A 296 5.42 -2.24 6.10
N THR A 297 5.81 -3.46 5.71
CA THR A 297 7.21 -3.84 5.56
C THR A 297 7.95 -2.90 4.61
N ILE A 298 7.54 -2.94 3.34
CA ILE A 298 8.05 -2.07 2.28
C ILE A 298 8.14 -0.63 2.72
N GLN A 299 7.01 -0.03 3.07
CA GLN A 299 6.97 1.35 3.56
C GLN A 299 8.08 1.61 4.57
N ALA A 300 8.45 0.58 5.32
CA ALA A 300 9.53 0.67 6.30
C ALA A 300 10.88 0.34 5.68
N ASP A 301 10.92 -0.72 4.87
CA ASP A 301 12.08 -1.01 4.03
C ASP A 301 12.51 0.25 3.23
N LEU A 302 11.55 0.86 2.52
CA LEU A 302 11.80 2.09 1.78
C LEU A 302 12.32 3.19 2.72
N ASN A 303 11.46 3.67 3.62
CA ASN A 303 11.82 4.68 4.63
C ASN A 303 13.25 4.61 5.21
N HIS A 304 13.74 3.38 5.44
CA HIS A 304 15.12 3.14 5.89
C HIS A 304 16.12 3.65 4.85
N VAL A 305 15.92 3.22 3.59
CA VAL A 305 16.74 3.63 2.44
C VAL A 305 16.69 5.13 2.22
N THR A 306 15.50 5.67 2.05
CA THR A 306 15.29 7.11 1.90
C THR A 306 16.11 7.95 2.88
N GLU A 307 15.96 7.70 4.18
CA GLU A 307 16.73 8.43 5.18
C GLU A 307 18.23 8.21 5.02
N GLU A 308 18.62 7.07 4.46
CA GLU A 308 20.02 6.73 4.23
C GLU A 308 20.54 7.53 3.03
N LEU A 309 19.63 7.83 2.11
CA LEU A 309 19.91 8.59 0.90
C LEU A 309 19.74 10.07 1.17
N GLN A 310 18.63 10.45 1.78
CA GLN A 310 18.37 11.84 2.14
C GLN A 310 19.48 12.44 3.00
N THR A 311 20.17 11.58 3.76
CA THR A 311 21.31 11.98 4.58
C THR A 311 22.60 12.05 3.74
N GLN A 312 22.65 11.26 2.66
CA GLN A 312 23.82 11.22 1.79
C GLN A 312 23.91 12.44 0.88
N TYR A 313 23.12 13.47 1.21
CA TYR A 313 23.15 14.75 0.51
C TYR A 313 23.99 15.77 1.26
N ALA A 314 23.95 15.70 2.59
CA ALA A 314 24.76 16.60 3.42
C ALA A 314 26.25 16.48 3.10
N THR A 315 26.69 15.26 2.81
CA THR A 315 28.06 15.00 2.37
C THR A 315 28.28 15.48 0.93
N SER A 316 27.20 15.45 0.15
CA SER A 316 27.24 15.92 -1.24
C SER A 316 26.84 17.40 -1.31
N GLN A 317 26.76 18.06 -0.15
CA GLN A 317 26.63 19.52 -0.11
C GLN A 317 27.99 20.10 0.31
N LYS A 318 28.87 19.22 0.79
CA LYS A 318 30.28 19.55 0.95
C LYS A 318 30.95 19.39 -0.42
N THR A 319 30.14 18.98 -1.39
CA THR A 319 30.52 18.93 -2.81
C THR A 319 30.41 20.34 -3.43
N LYS A 320 29.63 21.21 -2.77
CA LYS A 320 29.41 22.58 -3.23
C LYS A 320 30.71 23.37 -3.31
N THR A 321 31.74 22.89 -2.62
CA THR A 321 33.03 23.54 -2.61
C THR A 321 34.09 22.64 -3.24
N ILE A 322 34.34 21.49 -2.61
CA ILE A 322 35.44 20.59 -3.03
C ILE A 322 35.22 19.93 -4.41
N GLN A 323 33.98 19.64 -4.77
CA GLN A 323 33.69 19.12 -6.10
C GLN A 323 33.58 20.30 -7.06
N SER A 324 33.17 21.44 -6.53
CA SER A 324 33.13 22.69 -7.31
C SER A 324 34.54 23.22 -7.55
N ASP A 325 35.53 22.54 -6.99
CA ASP A 325 36.93 22.89 -7.18
C ASP A 325 37.70 21.74 -7.84
N LEU A 326 37.29 20.51 -7.57
CA LEU A 326 37.93 19.34 -8.20
C LEU A 326 37.54 19.21 -9.66
N ASN A 327 36.40 19.77 -10.03
CA ASN A 327 35.94 19.74 -11.42
C ASN A 327 36.88 20.50 -12.38
N LEU A 328 37.35 21.67 -11.94
CA LEU A 328 38.32 22.45 -12.72
C LEU A 328 39.75 22.02 -12.38
N SER A 329 39.87 21.07 -11.46
CA SER A 329 41.16 20.50 -11.08
C SER A 329 41.40 19.18 -11.81
N LEU A 330 40.34 18.37 -11.96
CA LEU A 330 40.39 17.17 -12.79
C LEU A 330 40.45 17.58 -14.27
N HIS A 331 40.30 18.88 -14.51
CA HIS A 331 40.45 19.50 -15.82
C HIS A 331 41.90 19.46 -16.28
N LYS A 332 42.79 19.99 -15.44
CA LYS A 332 44.20 20.15 -15.77
C LYS A 332 45.01 18.86 -15.78
N LEU A 333 44.36 17.72 -15.57
CA LEU A 333 45.04 16.44 -15.75
C LEU A 333 45.28 16.21 -17.25
N ASP A 334 44.57 16.97 -18.08
CA ASP A 334 44.73 16.95 -19.53
C ASP A 334 45.39 18.24 -20.03
N LEU A 335 45.05 19.36 -19.40
CA LEU A 335 45.59 20.68 -19.76
C LEU A 335 47.11 20.62 -19.82
N ALA A 336 47.69 19.91 -18.87
CA ALA A 336 49.14 19.70 -18.85
C ALA A 336 49.56 18.48 -19.66
N LYS A 337 48.72 17.43 -19.66
CA LYS A 337 49.03 16.23 -20.44
C LYS A 337 48.99 16.51 -21.96
N ARG A 338 48.32 17.61 -22.33
CA ARG A 338 48.30 18.08 -23.71
C ARG A 338 49.66 18.64 -24.11
N ASN A 339 50.15 19.60 -23.31
CA ASN A 339 51.46 20.20 -23.54
C ASN A 339 52.60 19.20 -23.57
N LEU A 340 52.52 18.16 -22.74
CA LEU A 340 53.55 17.12 -22.69
C LEU A 340 53.64 16.29 -23.98
N ASP A 341 52.79 16.62 -24.96
CA ASP A 341 52.96 16.16 -26.34
C ASP A 341 54.15 16.91 -26.93
N ALA A 342 55.23 16.16 -27.15
CA ALA A 342 56.59 16.71 -27.25
C ALA A 342 56.92 17.64 -28.43
N ASN A 343 57.55 18.77 -28.12
CA ASN A 343 58.23 19.63 -29.10
C ASN A 343 59.11 20.68 -28.40
N GLU B 3 94.78 8.24 -71.20
CA GLU B 3 94.42 8.37 -72.60
C GLU B 3 94.27 6.98 -73.22
N LEU B 4 93.40 6.83 -74.23
CA LEU B 4 92.54 7.90 -74.79
C LEU B 4 91.05 7.57 -74.59
N GLU B 5 90.30 8.45 -73.91
CA GLU B 5 88.87 8.28 -73.69
C GLU B 5 88.08 8.50 -74.98
N PRO B 6 87.00 7.74 -75.20
CA PRO B 6 86.16 7.96 -76.40
C PRO B 6 85.42 9.29 -76.32
N TRP B 7 84.52 9.55 -77.25
CA TRP B 7 83.77 10.80 -77.21
C TRP B 7 82.38 10.67 -76.59
N ASP B 8 81.65 9.62 -76.96
CA ASP B 8 80.35 9.34 -76.33
C ASP B 8 80.52 9.19 -74.81
N LEU B 9 81.61 8.56 -74.40
CA LEU B 9 81.92 8.42 -72.98
C LEU B 9 82.37 9.76 -72.39
N GLN B 10 82.88 10.64 -73.25
CA GLN B 10 83.49 11.91 -72.83
C GLN B 10 82.45 12.98 -72.42
N LEU B 11 81.26 12.89 -73.01
CA LEU B 11 80.17 13.82 -72.71
C LEU B 11 79.45 13.45 -71.41
N GLN B 12 79.10 12.17 -71.25
CA GLN B 12 78.48 11.69 -70.03
C GLN B 12 79.32 12.00 -68.79
N GLU B 13 80.62 12.18 -68.96
CA GLU B 13 81.50 12.59 -67.86
C GLU B 13 81.08 13.93 -67.25
N LYS B 14 80.60 14.85 -68.09
CA LYS B 14 80.14 16.17 -67.63
C LYS B 14 78.61 16.28 -67.58
N GLU B 15 77.93 15.50 -68.43
CA GLU B 15 76.47 15.38 -68.41
C GLU B 15 76.00 15.01 -67.01
N SER B 16 76.75 14.13 -66.38
CA SER B 16 76.52 13.73 -65.00
C SER B 16 76.68 14.93 -64.10
N GLN B 17 77.77 15.67 -64.27
CA GLN B 17 78.06 16.86 -63.45
C GLN B 17 76.92 17.89 -63.40
N ILE B 18 76.22 18.05 -64.53
CA ILE B 18 75.03 18.91 -64.62
C ILE B 18 73.98 18.45 -63.63
N GLN B 19 73.55 17.20 -63.81
CA GLN B 19 72.51 16.59 -62.98
C GLN B 19 72.85 16.60 -61.48
N LEU B 20 74.13 16.55 -61.14
CA LEU B 20 74.57 16.60 -59.73
C LEU B 20 74.43 18.02 -59.19
N ALA B 21 73.95 18.92 -60.05
CA ALA B 21 73.61 20.27 -59.66
C ALA B 21 72.17 20.58 -60.12
N GLU B 22 71.79 20.04 -61.28
CA GLU B 22 70.43 20.21 -61.79
C GLU B 22 69.42 19.68 -60.76
N SER B 23 69.82 18.64 -60.06
CA SER B 23 69.03 18.07 -58.96
C SER B 23 69.21 18.88 -57.69
N GLU B 24 70.46 19.22 -57.36
CA GLU B 24 70.74 20.04 -56.18
C GLU B 24 69.99 21.38 -56.23
N LEU B 25 69.59 21.79 -57.44
CA LEU B 25 68.69 22.92 -57.61
C LEU B 25 67.27 22.51 -57.22
N SER B 26 66.80 21.42 -57.84
CA SER B 26 65.47 20.86 -57.62
C SER B 26 65.17 20.60 -56.13
N LEU B 27 66.17 20.12 -55.40
CA LEU B 27 66.05 19.94 -53.98
C LEU B 27 65.90 21.28 -53.28
N LEU B 28 66.68 22.28 -53.66
CA LEU B 28 66.57 23.59 -53.02
C LEU B 28 65.22 24.23 -53.32
N GLU B 29 64.54 23.75 -54.36
CA GLU B 29 63.20 24.22 -54.68
C GLU B 29 62.14 23.50 -53.83
N GLU B 30 62.40 22.23 -53.50
CA GLU B 30 61.50 21.43 -52.67
C GLU B 30 61.49 21.95 -51.22
N THR B 31 62.68 22.00 -50.60
CA THR B 31 62.85 22.64 -49.30
C THR B 31 62.19 24.03 -49.22
N GLN B 32 62.09 24.70 -50.36
CA GLN B 32 61.39 25.97 -50.42
C GLN B 32 59.88 25.74 -50.38
N ALA B 33 59.41 24.75 -51.12
CA ALA B 33 57.98 24.50 -51.26
C ALA B 33 57.40 23.74 -50.06
N LYS B 34 58.28 23.21 -49.21
CA LYS B 34 57.83 22.58 -47.98
C LYS B 34 57.50 23.67 -46.97
N LEU B 35 58.42 24.61 -46.79
CA LEU B 35 58.22 25.66 -45.79
C LEU B 35 57.00 26.52 -46.11
N LYS B 36 56.55 26.50 -47.35
CA LYS B 36 55.38 27.27 -47.72
C LYS B 36 54.14 26.44 -47.42
N LYS B 37 54.31 25.14 -47.39
CA LYS B 37 53.20 24.26 -47.05
C LYS B 37 52.84 24.44 -45.58
N ASN B 38 53.83 24.36 -44.69
CA ASN B 38 53.57 24.52 -43.26
C ASN B 38 52.71 25.73 -43.01
N VAL B 39 53.17 26.88 -43.46
CA VAL B 39 52.41 28.11 -43.36
C VAL B 39 51.05 28.00 -44.06
N GLU B 40 50.80 26.87 -44.72
CA GLU B 40 49.53 26.73 -45.42
C GLU B 40 48.68 25.60 -44.82
N THR B 41 49.33 24.61 -44.22
CA THR B 41 48.60 23.60 -43.46
C THR B 41 48.22 24.18 -42.09
N LEU B 42 49.10 25.00 -41.53
CA LEU B 42 48.82 25.63 -40.25
C LEU B 42 47.68 26.62 -40.36
N GLU B 43 47.58 27.32 -41.48
CA GLU B 43 46.43 28.19 -41.68
C GLU B 43 45.14 27.36 -41.89
N GLU B 44 45.28 26.09 -42.27
CA GLU B 44 44.12 25.22 -42.44
C GLU B 44 43.56 24.78 -41.10
N LYS B 45 44.41 24.15 -40.29
CA LYS B 45 44.10 23.77 -38.90
C LYS B 45 43.46 24.92 -38.14
N ILE B 46 44.22 26.00 -37.97
CA ILE B 46 43.72 27.22 -37.32
C ILE B 46 42.35 27.64 -37.87
N LEU B 47 42.05 27.29 -39.11
CA LEU B 47 40.71 27.57 -39.61
C LEU B 47 39.69 26.55 -39.09
N ALA B 48 40.07 25.28 -39.02
CA ALA B 48 39.15 24.24 -38.56
C ALA B 48 38.83 24.39 -37.07
N LYS B 49 39.87 24.73 -36.30
CA LYS B 49 39.71 24.99 -34.87
C LYS B 49 38.79 26.19 -34.63
N LYS B 50 39.03 27.30 -35.31
CA LYS B 50 38.09 28.41 -35.28
C LYS B 50 36.65 27.96 -35.60
N THR B 51 36.51 26.93 -36.41
CA THR B 51 35.19 26.45 -36.80
C THR B 51 34.60 25.48 -35.74
N HIS B 52 35.45 24.64 -35.18
CA HIS B 52 35.08 23.76 -34.07
C HIS B 52 34.64 24.58 -32.85
N LYS B 53 35.51 25.48 -32.41
CA LYS B 53 35.19 26.42 -31.35
C LYS B 53 33.86 27.15 -31.58
N GLN B 54 33.48 27.42 -32.82
CA GLN B 54 32.15 28.01 -33.01
C GLN B 54 31.08 26.95 -32.95
N GLU B 55 31.47 25.70 -33.16
CA GLU B 55 30.50 24.61 -33.12
C GLU B 55 30.08 24.28 -31.68
N LEU B 56 31.06 24.30 -30.77
CA LEU B 56 30.80 24.11 -29.34
C LEU B 56 29.92 25.22 -28.81
N GLN B 57 30.31 26.47 -29.03
CA GLN B 57 29.50 27.61 -28.60
C GLN B 57 28.08 27.59 -29.12
N ASP B 58 27.79 26.64 -30.01
CA ASP B 58 26.43 26.43 -30.48
C ASP B 58 25.75 25.35 -29.66
N LEU B 59 26.49 24.28 -29.37
CA LEU B 59 26.06 23.21 -28.46
C LEU B 59 25.67 23.79 -27.11
N ILE B 60 26.68 24.21 -26.33
CA ILE B 60 26.47 24.92 -25.09
C ILE B 60 25.21 25.81 -25.04
N LEU B 61 25.00 26.66 -26.03
CA LEU B 61 23.77 27.46 -26.06
C LEU B 61 22.52 26.57 -26.15
N ASP B 62 22.58 25.52 -26.96
CA ASP B 62 21.45 24.60 -27.10
C ASP B 62 21.17 23.91 -25.75
N LEU B 63 22.23 23.39 -25.14
CA LEU B 63 22.12 22.68 -23.88
C LEU B 63 21.72 23.63 -22.76
N LYS B 64 22.45 24.74 -22.62
CA LYS B 64 22.08 25.71 -21.60
C LYS B 64 20.64 26.18 -21.75
N LYS B 65 20.05 26.02 -22.93
CA LYS B 65 18.67 26.43 -23.11
C LYS B 65 17.81 25.31 -22.60
N LYS B 66 18.23 24.08 -22.92
CA LYS B 66 17.46 22.90 -22.62
C LYS B 66 17.34 22.74 -21.12
N LEU B 67 18.47 22.86 -20.43
CA LEU B 67 18.53 22.69 -18.98
C LEU B 67 17.72 23.76 -18.31
N ASN B 68 18.14 25.00 -18.49
CA ASN B 68 17.44 26.15 -17.93
C ASN B 68 15.93 26.17 -18.25
N SER B 69 15.48 25.29 -19.14
CA SER B 69 14.06 25.16 -19.42
C SER B 69 13.47 24.01 -18.60
N LEU B 70 14.16 22.87 -18.62
CA LEU B 70 13.83 21.69 -17.81
C LEU B 70 13.69 22.04 -16.35
N LYS B 71 14.58 22.88 -15.84
CA LYS B 71 14.43 23.41 -14.50
C LYS B 71 13.04 24.00 -14.32
N ASP B 72 12.69 25.00 -15.13
CA ASP B 72 11.37 25.63 -15.05
C ASP B 72 10.19 24.64 -15.16
N GLU B 73 10.44 23.46 -15.72
CA GLU B 73 9.43 22.44 -15.93
C GLU B 73 9.38 21.48 -14.74
N ARG B 74 10.54 21.28 -14.13
CA ARG B 74 10.68 20.47 -12.93
C ARG B 74 9.92 21.13 -11.79
N SER B 75 10.28 22.36 -11.47
CA SER B 75 9.65 23.07 -10.36
C SER B 75 8.16 23.33 -10.64
N GLN B 76 7.76 23.23 -11.89
CA GLN B 76 6.34 23.36 -12.21
C GLN B 76 5.64 22.01 -12.16
N GLY B 77 6.37 20.96 -12.50
CA GLY B 77 5.79 19.63 -12.49
C GLY B 77 5.64 19.11 -11.08
N GLU B 78 6.43 19.67 -10.16
CA GLU B 78 6.39 19.30 -8.76
C GLU B 78 5.15 19.87 -8.11
N LYS B 79 4.98 21.19 -8.25
CA LYS B 79 3.82 21.88 -7.70
C LYS B 79 2.51 21.25 -8.18
N ASN B 80 2.55 20.63 -9.36
CA ASN B 80 1.37 19.93 -9.85
C ASN B 80 1.20 18.55 -9.24
N PHE B 81 2.29 17.83 -9.04
CA PHE B 81 2.28 16.54 -8.38
C PHE B 81 1.82 16.68 -6.94
N THR B 82 2.25 17.77 -6.30
CA THR B 82 1.90 18.04 -4.93
C THR B 82 0.40 18.35 -4.82
N SER B 83 -0.07 19.31 -5.61
CA SER B 83 -1.49 19.61 -5.65
C SER B 83 -2.36 18.42 -6.08
N ALA B 84 -1.89 17.60 -7.01
CA ALA B 84 -2.72 16.48 -7.48
C ALA B 84 -2.80 15.35 -6.46
N HIS B 85 -1.67 15.02 -5.83
CA HIS B 85 -1.61 13.97 -4.83
C HIS B 85 -2.57 14.30 -3.68
N LEU B 86 -2.69 15.58 -3.34
CA LEU B 86 -3.71 16.04 -2.39
C LEU B 86 -5.12 15.68 -2.86
N LYS B 87 -5.48 16.09 -4.07
CA LYS B 87 -6.80 15.76 -4.62
C LYS B 87 -7.01 14.25 -4.64
N LEU B 88 -5.94 13.48 -4.63
CA LEU B 88 -6.13 12.04 -4.72
C LEU B 88 -6.60 11.56 -3.36
N LYS B 89 -5.95 12.05 -2.32
CA LYS B 89 -6.27 11.54 -0.98
C LYS B 89 -7.68 11.89 -0.58
N GLU B 90 -8.11 13.10 -0.92
CA GLU B 90 -9.50 13.49 -0.77
C GLU B 90 -10.41 12.51 -1.49
N MET B 91 -10.18 12.33 -2.78
CA MET B 91 -10.90 11.35 -3.57
C MET B 91 -10.88 9.98 -2.91
N GLN B 92 -9.76 9.64 -2.25
CA GLN B 92 -9.64 8.34 -1.59
C GLN B 92 -10.52 8.27 -0.34
N LYS B 93 -10.42 9.28 0.51
CA LYS B 93 -11.31 9.48 1.66
C LYS B 93 -12.78 9.33 1.26
N VAL B 94 -13.21 10.12 0.27
CA VAL B 94 -14.60 10.10 -0.16
C VAL B 94 -14.98 8.73 -0.71
N LEU B 95 -14.07 8.11 -1.45
CA LEU B 95 -14.33 6.77 -1.98
C LEU B 95 -14.56 5.79 -0.85
N ASN B 96 -13.77 5.91 0.22
CA ASN B 96 -13.90 5.02 1.36
C ASN B 96 -15.26 5.17 2.02
N ALA B 97 -15.65 6.42 2.30
CA ALA B 97 -17.00 6.76 2.73
C ALA B 97 -18.08 5.98 1.97
N HIS B 98 -18.08 6.07 0.65
CA HIS B 98 -19.12 5.42 -0.15
C HIS B 98 -19.03 3.90 -0.08
N ARG B 99 -17.83 3.38 0.06
CA ARG B 99 -17.64 1.95 0.23
C ARG B 99 -18.36 1.45 1.49
N GLN B 100 -18.25 2.22 2.57
CA GLN B 100 -18.92 1.88 3.83
C GLN B 100 -20.42 1.81 3.66
N ARG B 101 -21.00 2.94 3.24
CA ARG B 101 -22.42 3.02 2.95
C ARG B 101 -22.89 1.93 1.99
N ALA B 102 -22.14 1.67 0.93
CA ALA B 102 -22.52 0.59 0.02
C ALA B 102 -22.69 -0.76 0.76
N MET B 103 -21.69 -1.20 1.51
CA MET B 103 -21.81 -2.42 2.31
C MET B 103 -23.02 -2.42 3.28
N GLU B 104 -23.27 -1.29 3.95
CA GLU B 104 -24.41 -1.20 4.85
C GLU B 104 -25.70 -1.44 4.11
N ALA B 105 -25.90 -0.63 3.07
CA ALA B 105 -27.11 -0.68 2.30
C ALA B 105 -27.32 -2.05 1.71
N ARG B 106 -26.23 -2.70 1.30
CA ARG B 106 -26.35 -4.03 0.73
C ARG B 106 -26.61 -5.03 1.83
N SER B 107 -25.86 -4.93 2.91
CA SER B 107 -26.02 -5.85 4.03
C SER B 107 -27.44 -5.87 4.52
N SER B 108 -28.01 -4.68 4.72
CA SER B 108 -29.34 -4.60 5.31
C SER B 108 -30.43 -5.10 4.35
N LEU B 109 -30.31 -4.81 3.06
CA LEU B 109 -31.29 -5.29 2.09
C LEU B 109 -31.21 -6.80 1.92
N SER B 110 -30.10 -7.37 2.37
CA SER B 110 -29.91 -8.78 2.27
C SER B 110 -30.54 -9.39 3.49
N LYS B 111 -30.47 -8.67 4.61
CA LYS B 111 -30.98 -9.18 5.87
C LYS B 111 -32.48 -9.21 5.75
N ALA B 112 -33.02 -8.20 5.07
CA ALA B 112 -34.44 -8.10 4.86
C ALA B 112 -34.83 -9.29 4.03
N GLN B 113 -34.31 -9.32 2.81
CA GLN B 113 -34.60 -10.36 1.85
C GLN B 113 -34.46 -11.77 2.41
N ASN B 114 -33.60 -11.97 3.41
CA ASN B 114 -33.60 -13.26 4.06
C ASN B 114 -34.94 -13.49 4.71
N LYS B 115 -35.29 -12.68 5.71
CA LYS B 115 -36.57 -12.77 6.40
C LYS B 115 -37.76 -12.92 5.41
N SER B 116 -37.90 -12.00 4.45
CA SER B 116 -39.01 -12.10 3.50
C SER B 116 -38.96 -13.34 2.60
N LYS B 117 -37.94 -14.18 2.77
CA LYS B 117 -37.73 -15.32 1.90
C LYS B 117 -37.92 -16.63 2.67
N VAL B 118 -37.40 -16.67 3.89
CA VAL B 118 -37.58 -17.83 4.74
C VAL B 118 -39.05 -18.00 5.11
N LEU B 119 -39.65 -16.92 5.61
CA LEU B 119 -41.03 -16.95 6.11
C LEU B 119 -42.03 -17.20 4.98
N THR B 120 -41.85 -16.54 3.84
CA THR B 120 -42.65 -16.85 2.65
C THR B 120 -42.59 -18.34 2.29
N ALA B 121 -41.40 -18.93 2.41
CA ALA B 121 -41.20 -20.34 2.08
C ALA B 121 -41.57 -21.26 3.24
N LEU B 122 -41.30 -20.85 4.47
CA LEU B 122 -41.70 -21.64 5.66
C LEU B 122 -43.21 -21.76 5.79
N SER B 123 -43.93 -20.70 5.44
CA SER B 123 -45.38 -20.75 5.39
C SER B 123 -45.83 -21.78 4.37
N ARG B 124 -45.46 -21.58 3.11
CA ARG B 124 -45.81 -22.46 2.01
C ARG B 124 -45.54 -23.92 2.33
N LEU B 125 -44.48 -24.16 3.09
CA LEU B 125 -44.15 -25.50 3.59
C LEU B 125 -45.31 -26.04 4.41
N GLN B 126 -45.54 -25.47 5.59
CA GLN B 126 -46.61 -25.91 6.51
C GLN B 126 -48.06 -25.92 5.93
N LYS B 127 -48.35 -25.08 4.93
CA LYS B 127 -49.64 -25.11 4.21
C LYS B 127 -49.88 -26.35 3.29
N SER B 128 -48.81 -26.97 2.82
CA SER B 128 -48.90 -28.27 2.14
C SER B 128 -48.97 -29.41 3.15
N GLY B 129 -48.75 -29.07 4.43
CA GLY B 129 -48.83 -30.01 5.54
C GLY B 129 -47.54 -30.76 5.77
N ARG B 130 -46.56 -30.54 4.90
CA ARG B 130 -45.27 -31.23 4.97
C ARG B 130 -44.54 -31.06 6.29
N ILE B 131 -45.02 -30.15 7.14
CA ILE B 131 -44.49 -29.97 8.48
C ILE B 131 -45.59 -29.53 9.45
N ASN B 132 -45.33 -29.73 10.73
CA ASN B 132 -46.23 -29.27 11.79
C ASN B 132 -45.35 -28.84 12.94
N GLY B 133 -45.79 -27.83 13.68
CA GLY B 133 -44.99 -27.32 14.77
C GLY B 133 -44.16 -26.08 14.44
N PHE B 134 -44.33 -25.57 13.22
CA PHE B 134 -43.74 -24.29 12.80
C PHE B 134 -44.64 -23.15 13.26
N HIS B 135 -44.10 -22.31 14.15
CA HIS B 135 -44.87 -21.23 14.75
C HIS B 135 -44.56 -19.88 14.11
N GLY B 136 -43.30 -19.71 13.73
CA GLY B 136 -42.91 -18.46 13.10
C GLY B 136 -42.08 -17.56 13.99
N ARG B 137 -41.85 -16.33 13.51
CA ARG B 137 -40.92 -15.40 14.13
C ARG B 137 -41.36 -14.98 15.52
N LEU B 138 -40.55 -15.28 16.52
CA LEU B 138 -40.91 -15.03 17.91
C LEU B 138 -41.35 -13.59 18.12
N GLY B 139 -40.84 -12.67 17.33
CA GLY B 139 -41.21 -11.27 17.45
C GLY B 139 -42.68 -10.96 17.16
N ASP B 140 -43.33 -11.90 16.51
CA ASP B 140 -44.77 -11.81 16.25
C ASP B 140 -45.51 -12.76 17.15
N LEU B 141 -44.96 -13.01 18.33
CA LEU B 141 -45.53 -13.95 19.28
C LEU B 141 -45.65 -13.29 20.64
N GLY B 142 -45.72 -11.97 20.63
CA GLY B 142 -45.89 -11.17 21.84
C GLY B 142 -46.04 -9.72 21.42
N VAL B 143 -46.87 -8.96 22.15
CA VAL B 143 -47.08 -7.54 21.84
C VAL B 143 -46.41 -6.68 22.92
N ILE B 144 -45.90 -5.50 22.53
CA ILE B 144 -45.29 -4.59 23.50
C ILE B 144 -45.70 -3.12 23.32
N ASP B 145 -45.55 -2.35 24.40
CA ASP B 145 -45.77 -0.89 24.38
C ASP B 145 -44.81 -0.18 23.41
N ASP B 146 -45.37 0.43 22.37
CA ASP B 146 -44.63 1.24 21.39
C ASP B 146 -43.56 2.17 22.03
N SER B 147 -43.70 2.45 23.32
CA SER B 147 -42.76 3.30 24.03
C SER B 147 -41.34 2.74 24.03
N PHE B 148 -41.22 1.43 23.87
CA PHE B 148 -39.93 0.73 24.02
C PHE B 148 -39.52 0.01 22.74
N ASP B 149 -40.32 0.21 21.68
CA ASP B 149 -40.13 -0.42 20.37
C ASP B 149 -38.66 -0.48 19.95
N VAL B 150 -37.94 0.62 20.14
CA VAL B 150 -36.50 0.65 19.91
C VAL B 150 -35.68 -0.19 20.93
N ALA B 151 -35.78 0.14 22.22
CA ALA B 151 -35.02 -0.57 23.26
C ALA B 151 -35.06 -2.09 23.11
N ILE B 152 -36.26 -2.63 22.89
CA ILE B 152 -36.39 -4.05 22.65
C ILE B 152 -35.68 -4.46 21.36
N SER B 153 -35.88 -3.70 20.29
CA SER B 153 -35.37 -4.08 18.98
C SER B 153 -33.85 -4.10 18.95
N THR B 154 -33.21 -3.25 19.73
CA THR B 154 -31.75 -3.23 19.68
C THR B 154 -31.12 -3.99 20.83
N ALA B 155 -31.91 -4.45 21.79
CA ALA B 155 -31.35 -5.30 22.84
C ALA B 155 -31.48 -6.76 22.46
N CYS B 156 -32.51 -7.07 21.69
CA CYS B 156 -32.84 -8.46 21.49
C CYS B 156 -33.11 -8.80 20.05
N PRO B 157 -32.04 -8.85 19.24
CA PRO B 157 -32.19 -9.06 17.80
C PRO B 157 -32.59 -10.51 17.56
N ARG B 158 -32.61 -11.30 18.63
CA ARG B 158 -33.01 -12.69 18.58
C ARG B 158 -34.52 -12.82 18.34
N LEU B 159 -35.22 -11.71 18.43
CA LEU B 159 -36.64 -11.72 18.14
C LEU B 159 -36.88 -12.12 16.69
N ASP B 160 -35.79 -12.29 15.94
CA ASP B 160 -35.91 -12.78 14.57
C ASP B 160 -35.69 -14.30 14.44
N ASP B 161 -35.41 -14.98 15.57
CA ASP B 161 -35.38 -16.44 15.60
C ASP B 161 -36.69 -17.05 15.19
N VAL B 162 -36.70 -18.33 14.88
CA VAL B 162 -37.96 -18.98 14.59
C VAL B 162 -38.24 -19.94 15.73
N VAL B 163 -39.44 -19.85 16.30
CA VAL B 163 -39.77 -20.74 17.41
C VAL B 163 -40.53 -21.98 16.95
N VAL B 164 -39.91 -23.14 17.20
CA VAL B 164 -40.52 -24.44 16.89
C VAL B 164 -40.44 -25.40 18.07
N ASP B 165 -41.15 -26.52 17.93
CA ASP B 165 -41.16 -27.59 18.92
C ASP B 165 -40.05 -28.63 18.64
N THR B 166 -40.32 -29.58 17.75
CA THR B 166 -39.35 -30.62 17.39
C THR B 166 -37.94 -30.12 17.03
N VAL B 167 -36.96 -30.53 17.84
CA VAL B 167 -35.53 -30.33 17.54
C VAL B 167 -35.21 -30.85 16.12
N GLU B 168 -36.09 -31.72 15.61
CA GLU B 168 -35.98 -32.28 14.26
C GLU B 168 -36.77 -31.50 13.19
N CYS B 169 -37.83 -30.79 13.59
CA CYS B 169 -38.65 -29.98 12.66
C CYS B 169 -37.98 -28.65 12.34
N ALA B 170 -37.11 -28.24 13.25
CA ALA B 170 -36.17 -27.20 12.97
C ALA B 170 -35.38 -27.71 11.78
N GLN B 171 -34.80 -28.89 11.97
CA GLN B 171 -33.96 -29.51 10.97
C GLN B 171 -34.70 -29.99 9.73
N HIS B 172 -36.02 -30.11 9.82
CA HIS B 172 -36.79 -30.51 8.67
C HIS B 172 -36.89 -29.31 7.73
N CYS B 173 -36.85 -28.13 8.35
CA CYS B 173 -36.95 -26.84 7.65
C CYS B 173 -35.64 -26.50 6.97
N ILE B 174 -34.55 -26.68 7.72
CA ILE B 174 -33.19 -26.41 7.25
C ILE B 174 -32.92 -27.08 5.89
N ASP B 175 -33.38 -28.32 5.77
CA ASP B 175 -33.24 -29.10 4.56
C ASP B 175 -34.07 -28.51 3.42
N TYR B 176 -35.32 -28.13 3.71
CA TYR B 176 -36.17 -27.53 2.69
C TYR B 176 -35.47 -26.31 2.08
N LEU B 177 -34.82 -25.55 2.96
CA LEU B 177 -34.13 -24.30 2.60
C LEU B 177 -32.90 -24.55 1.73
N ARG B 178 -32.21 -25.66 1.99
CA ARG B 178 -31.05 -26.06 1.18
C ARG B 178 -31.49 -26.51 -0.20
N LYS B 179 -32.38 -27.52 -0.24
CA LYS B 179 -32.83 -28.12 -1.50
C LYS B 179 -33.28 -27.09 -2.55
N ASN B 180 -33.81 -25.96 -2.11
CA ASN B 180 -34.26 -24.94 -3.06
C ASN B 180 -33.50 -23.63 -2.96
N LYS B 181 -32.52 -23.56 -2.06
CA LYS B 181 -31.75 -22.33 -1.84
C LYS B 181 -32.70 -21.16 -1.55
N LEU B 182 -33.12 -21.05 -0.30
CA LEU B 182 -34.17 -20.12 0.07
C LEU B 182 -33.69 -19.18 1.16
N GLY B 183 -32.89 -19.69 2.09
CA GLY B 183 -32.27 -18.80 3.04
C GLY B 183 -31.79 -19.52 4.26
N TYR B 184 -31.21 -18.76 5.19
CA TYR B 184 -30.69 -19.31 6.43
C TYR B 184 -31.52 -18.74 7.56
N ALA B 185 -31.61 -19.46 8.67
CA ALA B 185 -32.48 -19.06 9.76
C ALA B 185 -31.98 -19.60 11.09
N ARG B 186 -32.42 -19.02 12.20
CA ARG B 186 -32.10 -19.61 13.50
C ARG B 186 -33.37 -20.15 14.16
N PHE B 187 -33.26 -21.18 15.00
CA PHE B 187 -34.44 -21.80 15.59
C PHE B 187 -34.39 -21.89 17.11
N ILE B 188 -35.43 -21.35 17.74
CA ILE B 188 -35.64 -21.46 19.16
C ILE B 188 -36.37 -22.78 19.32
N LEU B 189 -35.71 -23.76 19.96
CA LEU B 189 -36.31 -25.08 20.16
C LEU B 189 -37.03 -25.13 21.51
N LEU B 190 -38.33 -25.39 21.48
CA LEU B 190 -39.12 -25.33 22.70
C LEU B 190 -38.82 -26.50 23.67
N ASP B 191 -38.76 -27.72 23.15
CA ASP B 191 -38.42 -28.95 23.93
C ASP B 191 -37.18 -28.81 24.80
N ARG B 192 -36.04 -28.74 24.14
CA ARG B 192 -34.74 -28.62 24.78
C ARG B 192 -34.57 -27.30 25.55
N LEU B 193 -35.56 -26.43 25.48
CA LEU B 193 -35.42 -25.12 26.09
C LEU B 193 -35.49 -25.20 27.60
N ARG B 194 -34.53 -24.59 28.30
CA ARG B 194 -34.53 -24.58 29.77
C ARG B 194 -35.85 -24.05 30.32
N GLN B 195 -36.27 -24.57 31.49
CA GLN B 195 -37.48 -24.09 32.16
C GLN B 195 -37.18 -23.00 33.21
N PHE B 196 -37.57 -21.77 32.87
CA PHE B 196 -37.15 -20.56 33.58
C PHE B 196 -38.16 -20.04 34.63
N ASN B 197 -37.64 -19.30 35.60
CA ASN B 197 -38.48 -18.61 36.59
C ASN B 197 -38.99 -17.25 36.12
N LEU B 198 -40.13 -17.26 35.44
CA LEU B 198 -40.69 -16.03 34.88
C LEU B 198 -41.27 -15.06 35.92
N GLN B 199 -40.85 -15.19 37.17
CA GLN B 199 -41.43 -14.41 38.26
C GLN B 199 -40.74 -13.06 38.36
N PRO B 200 -41.44 -12.06 38.93
CA PRO B 200 -40.90 -10.69 39.04
C PRO B 200 -39.60 -10.59 39.86
N ILE B 201 -38.63 -9.83 39.33
CA ILE B 201 -37.34 -9.66 40.00
C ILE B 201 -37.35 -8.32 40.74
N SER B 202 -36.40 -8.09 41.63
CA SER B 202 -36.26 -6.78 42.22
C SER B 202 -35.23 -5.97 41.43
N THR B 203 -35.69 -4.96 40.68
CA THR B 203 -34.78 -4.18 39.80
C THR B 203 -34.10 -3.01 40.49
N PRO B 204 -32.76 -2.97 40.41
CA PRO B 204 -31.97 -1.85 40.94
C PRO B 204 -32.32 -0.52 40.28
N GLU B 205 -32.48 0.53 41.09
CA GLU B 205 -32.90 1.86 40.63
C GLU B 205 -34.34 1.83 40.06
N ASN B 206 -35.12 0.82 40.44
CA ASN B 206 -36.52 0.66 40.02
C ASN B 206 -36.77 0.71 38.51
N VAL B 207 -35.70 0.54 37.72
CA VAL B 207 -35.78 0.49 36.24
C VAL B 207 -36.25 -0.86 35.78
N PRO B 208 -37.35 -0.90 35.01
CA PRO B 208 -38.08 -2.15 34.75
C PRO B 208 -37.27 -3.21 33.97
N ARG B 209 -37.82 -4.41 33.84
CA ARG B 209 -37.17 -5.42 33.02
C ARG B 209 -37.99 -5.65 31.74
N LEU B 210 -37.28 -5.70 30.61
CA LEU B 210 -37.93 -5.76 29.30
C LEU B 210 -38.99 -6.86 29.21
N PHE B 211 -38.73 -7.99 29.86
CA PHE B 211 -39.62 -9.15 29.80
C PHE B 211 -41.05 -8.82 30.20
N ASP B 212 -41.18 -8.12 31.33
CA ASP B 212 -42.49 -7.82 31.90
C ASP B 212 -43.34 -6.97 30.95
N LEU B 213 -42.69 -6.07 30.21
CA LEU B 213 -43.43 -5.21 29.31
C LEU B 213 -44.03 -5.98 28.13
N VAL B 214 -43.91 -7.31 28.14
CA VAL B 214 -44.30 -8.13 26.99
C VAL B 214 -45.52 -9.03 27.24
N LYS B 215 -46.53 -8.87 26.39
CA LYS B 215 -47.73 -9.72 26.48
C LYS B 215 -47.71 -10.81 25.41
N PRO B 216 -47.36 -12.03 25.82
CA PRO B 216 -47.35 -13.16 24.90
C PRO B 216 -48.76 -13.55 24.48
N LYS B 217 -48.98 -13.83 23.19
CA LYS B 217 -50.28 -14.28 22.69
C LYS B 217 -50.76 -15.55 23.41
N ASN B 218 -49.81 -16.43 23.74
CA ASN B 218 -50.07 -17.62 24.57
C ASN B 218 -48.92 -17.78 25.54
N PRO B 219 -49.22 -18.15 26.80
CA PRO B 219 -48.15 -18.41 27.78
C PRO B 219 -47.27 -19.64 27.45
N LYS B 220 -47.57 -20.31 26.33
CA LYS B 220 -46.75 -21.39 25.82
C LYS B 220 -45.50 -20.84 25.11
N PHE B 221 -45.30 -19.54 25.23
CA PHE B 221 -44.22 -18.84 24.57
C PHE B 221 -43.55 -17.94 25.57
N SER B 222 -44.04 -17.99 26.80
CA SER B 222 -43.60 -17.07 27.83
C SER B 222 -42.21 -17.47 28.32
N ASN B 223 -41.80 -18.69 28.04
CA ASN B 223 -40.48 -19.10 28.47
C ASN B 223 -39.45 -18.63 27.44
N ALA B 224 -39.79 -18.81 26.18
CA ALA B 224 -38.97 -18.35 25.06
C ALA B 224 -38.57 -16.90 25.24
N PHE B 225 -39.56 -16.01 25.33
CA PHE B 225 -39.31 -14.61 25.66
C PHE B 225 -38.43 -14.42 26.89
N TYR B 226 -38.37 -15.39 27.79
CA TYR B 226 -37.38 -15.20 28.83
C TYR B 226 -36.03 -15.80 28.43
N SER B 227 -36.00 -16.58 27.35
CA SER B 227 -34.74 -17.15 26.86
C SER B 227 -33.90 -16.08 26.14
N VAL B 228 -34.58 -15.14 25.50
CA VAL B 228 -33.94 -14.05 24.77
C VAL B 228 -33.59 -12.86 25.68
N LEU B 229 -34.60 -12.35 26.39
CA LEU B 229 -34.46 -11.22 27.29
C LEU B 229 -34.39 -11.89 28.64
N ARG B 230 -33.60 -11.35 29.55
CA ARG B 230 -33.55 -11.90 30.90
C ARG B 230 -32.83 -10.94 31.79
N ASP B 231 -33.55 -10.37 32.76
CA ASP B 231 -33.03 -9.27 33.57
C ASP B 231 -32.47 -8.19 32.67
N THR B 232 -33.07 -8.04 31.49
CA THR B 232 -32.59 -7.04 30.54
C THR B 232 -33.27 -5.71 30.81
N LEU B 233 -32.56 -4.83 31.53
CA LEU B 233 -33.14 -3.60 32.03
C LEU B 233 -33.23 -2.48 30.98
N VAL B 234 -34.18 -1.59 31.17
CA VAL B 234 -34.41 -0.49 30.25
C VAL B 234 -34.06 0.82 30.94
N ALA B 235 -32.77 1.17 30.93
CA ALA B 235 -32.35 2.49 31.40
C ALA B 235 -32.51 3.54 30.27
N GLN B 236 -32.06 4.77 30.52
CA GLN B 236 -32.14 5.84 29.52
C GLN B 236 -31.12 6.93 29.84
N ASN B 237 -30.44 7.42 28.83
CA ASN B 237 -29.43 8.44 29.06
C ASN B 237 -28.46 8.02 30.18
N LEU B 238 -27.82 6.87 29.93
CA LEU B 238 -26.59 6.46 30.62
C LEU B 238 -26.59 6.55 32.17
N LYS B 239 -27.67 6.06 32.77
CA LYS B 239 -27.67 5.65 34.17
C LYS B 239 -27.18 4.19 34.21
N GLN B 240 -26.95 3.66 33.01
CA GLN B 240 -26.49 2.28 32.81
C GLN B 240 -25.07 1.99 33.31
N ALA B 241 -24.06 2.72 32.83
CA ALA B 241 -22.67 2.43 33.22
C ALA B 241 -22.43 2.34 34.74
N ASN B 242 -23.39 2.85 35.51
CA ASN B 242 -23.35 2.82 36.97
C ASN B 242 -24.08 1.55 37.47
N ASN B 243 -25.30 1.37 36.99
CA ASN B 243 -26.12 0.22 37.31
C ASN B 243 -25.60 -1.13 36.75
N VAL B 244 -25.45 -1.19 35.43
CA VAL B 244 -25.00 -2.37 34.71
C VAL B 244 -23.61 -2.88 35.11
N ALA B 245 -22.59 -2.09 34.77
CA ALA B 245 -21.18 -2.46 34.95
C ALA B 245 -20.88 -3.04 36.32
N TYR B 246 -21.54 -2.50 37.34
CA TYR B 246 -21.41 -3.03 38.68
C TYR B 246 -22.47 -2.50 39.63
N GLY B 247 -23.47 -3.35 39.88
CA GLY B 247 -24.27 -3.25 41.07
C GLY B 247 -23.75 -4.44 41.85
N LYS B 248 -24.51 -4.96 42.81
CA LYS B 248 -24.18 -6.28 43.33
C LYS B 248 -24.14 -7.22 42.11
N LYS B 249 -25.32 -7.53 41.58
CA LYS B 249 -25.48 -8.29 40.35
C LYS B 249 -25.17 -7.44 39.11
N ARG B 250 -24.46 -8.04 38.16
CA ARG B 250 -24.22 -7.42 36.87
C ARG B 250 -25.47 -7.53 36.03
N PHE B 251 -25.76 -6.47 35.27
CA PHE B 251 -26.93 -6.53 34.41
C PHE B 251 -26.66 -6.27 32.94
N ARG B 252 -27.72 -6.33 32.17
CA ARG B 252 -27.64 -6.13 30.74
C ARG B 252 -28.74 -5.13 30.50
N VAL B 253 -28.34 -3.87 30.30
CA VAL B 253 -29.32 -2.80 30.14
C VAL B 253 -29.23 -2.07 28.80
N VAL B 254 -30.39 -1.75 28.24
CA VAL B 254 -30.47 -0.87 27.09
C VAL B 254 -31.02 0.50 27.46
N THR B 255 -30.17 1.50 27.29
CA THR B 255 -30.55 2.90 27.16
C THR B 255 -31.77 3.03 26.23
N VAL B 256 -32.79 3.79 26.64
CA VAL B 256 -34.07 3.88 25.91
C VAL B 256 -33.88 4.24 24.45
N ASP B 257 -32.90 5.08 24.18
CA ASP B 257 -32.68 5.53 22.82
C ASP B 257 -31.93 4.46 22.02
N GLY B 258 -31.15 3.61 22.69
CA GLY B 258 -30.59 2.44 22.02
C GLY B 258 -29.20 1.91 22.37
N LYS B 259 -28.49 2.48 23.32
CA LYS B 259 -27.16 1.95 23.61
C LYS B 259 -27.25 0.65 24.43
N LEU B 260 -26.17 -0.13 24.46
CA LEU B 260 -26.18 -1.45 25.10
C LEU B 260 -24.90 -1.81 25.88
N ILE B 261 -25.08 -2.11 27.17
CA ILE B 261 -24.02 -2.76 27.93
C ILE B 261 -24.50 -4.15 28.33
N ASP B 262 -23.82 -5.18 27.83
CA ASP B 262 -24.18 -6.57 28.08
C ASP B 262 -23.55 -7.08 29.37
N ILE B 263 -23.94 -8.29 29.78
CA ILE B 263 -23.45 -8.84 31.04
C ILE B 263 -21.96 -9.00 30.94
N SER B 264 -21.53 -9.37 29.74
CA SER B 264 -20.13 -9.66 29.45
C SER B 264 -19.14 -8.55 29.81
N GLY B 265 -19.58 -7.30 29.68
CA GLY B 265 -18.67 -6.18 29.70
C GLY B 265 -18.76 -5.42 28.37
N THR B 266 -19.27 -6.08 27.34
CA THR B 266 -19.62 -5.45 26.07
C THR B 266 -20.22 -4.07 26.32
N MET B 267 -19.90 -3.09 25.48
CA MET B 267 -20.48 -1.74 25.55
C MET B 267 -20.72 -1.27 24.12
N SER B 268 -21.99 -1.32 23.70
CA SER B 268 -22.31 -1.09 22.30
C SER B 268 -23.06 0.22 22.08
N GLY B 269 -22.41 1.15 21.38
CA GLY B 269 -22.97 2.44 21.07
C GLY B 269 -22.94 2.79 19.59
N GLY B 270 -24.05 3.36 19.10
CA GLY B 270 -24.26 3.60 17.69
C GLY B 270 -23.57 4.81 17.10
N GLY B 271 -24.13 5.22 15.97
CA GLY B 271 -23.85 6.49 15.33
C GLY B 271 -25.23 7.04 15.07
N ASN B 272 -25.75 6.83 13.86
CA ASN B 272 -27.03 7.41 13.45
C ASN B 272 -28.03 6.38 12.92
N HIS B 273 -28.01 5.17 13.47
CA HIS B 273 -29.03 4.16 13.15
C HIS B 273 -29.46 3.48 14.42
N VAL B 274 -30.75 3.29 14.61
CA VAL B 274 -31.21 2.40 15.68
C VAL B 274 -32.23 1.41 15.11
N ALA B 275 -32.27 0.22 15.71
CA ALA B 275 -33.18 -0.82 15.22
C ALA B 275 -34.61 -0.60 15.70
N LYS B 276 -35.57 -1.05 14.89
CA LYS B 276 -36.98 -0.82 15.17
C LYS B 276 -37.87 -1.84 14.45
N GLY B 277 -38.83 -2.42 15.16
CA GLY B 277 -39.84 -3.22 14.49
C GLY B 277 -39.70 -4.72 14.68
N LEU B 278 -38.86 -5.12 15.63
CA LEU B 278 -38.69 -6.53 15.89
C LEU B 278 -39.82 -7.08 16.73
N MET B 279 -40.56 -6.18 17.37
CA MET B 279 -41.75 -6.55 18.14
C MET B 279 -42.96 -5.87 17.56
N LYS B 280 -44.11 -6.50 17.69
CA LYS B 280 -45.35 -5.82 17.35
C LYS B 280 -45.63 -4.74 18.42
N LEU B 281 -45.66 -3.50 17.94
CA LEU B 281 -45.72 -2.28 18.75
C LEU B 281 -45.54 -1.11 17.81
N LYS B 288 -43.86 3.86 6.48
CA LYS B 288 -42.74 3.52 5.60
C LYS B 288 -41.47 3.25 6.40
N VAL B 289 -41.09 1.98 6.50
CA VAL B 289 -39.89 1.58 7.23
C VAL B 289 -38.63 2.18 6.59
N ASP B 290 -37.49 2.12 7.31
CA ASP B 290 -36.22 2.59 6.75
C ASP B 290 -35.59 1.58 5.77
N ASP B 291 -36.44 0.81 5.11
CA ASP B 291 -36.02 -0.17 4.12
C ASP B 291 -35.37 0.48 2.90
N TYR B 292 -34.46 -0.26 2.27
CA TYR B 292 -33.90 0.14 0.99
C TYR B 292 -34.68 -0.60 -0.07
N THR B 293 -34.38 -0.30 -1.33
CA THR B 293 -35.03 -0.95 -2.48
C THR B 293 -33.99 -1.52 -3.40
N PRO B 294 -34.13 -2.79 -3.81
CA PRO B 294 -33.22 -3.46 -4.74
C PRO B 294 -32.91 -2.67 -6.02
N GLU B 295 -33.43 -1.45 -6.10
CA GLU B 295 -33.04 -0.50 -7.12
C GLU B 295 -32.32 0.68 -6.46
N GLU B 296 -32.84 1.19 -5.34
CA GLU B 296 -32.11 2.19 -4.56
C GLU B 296 -30.71 1.69 -4.20
N VAL B 297 -30.61 0.44 -3.76
CA VAL B 297 -29.31 -0.17 -3.45
C VAL B 297 -28.57 -0.43 -4.76
N ASP B 298 -29.31 -0.86 -5.78
CA ASP B 298 -28.71 -1.10 -7.09
C ASP B 298 -28.12 0.21 -7.63
N LYS B 299 -28.72 1.33 -7.25
CA LYS B 299 -28.29 2.64 -7.71
C LYS B 299 -27.03 3.09 -6.96
N ILE B 300 -26.88 2.62 -5.72
CA ILE B 300 -25.71 2.96 -4.93
C ILE B 300 -24.54 2.04 -5.29
N GLU B 301 -24.84 0.77 -5.52
CA GLU B 301 -23.81 -0.15 -5.98
C GLU B 301 -23.43 0.14 -7.44
N ARG B 302 -24.18 1.04 -8.07
CA ARG B 302 -23.88 1.46 -9.45
C ARG B 302 -22.86 2.60 -9.47
N GLU B 303 -23.15 3.67 -8.74
CA GLU B 303 -22.26 4.82 -8.68
C GLU B 303 -20.94 4.52 -7.97
N LEU B 304 -20.94 3.59 -7.02
CA LEU B 304 -19.67 3.26 -6.37
C LEU B 304 -18.69 2.75 -7.40
N SER B 305 -19.19 1.96 -8.36
CA SER B 305 -18.37 1.44 -9.45
C SER B 305 -17.68 2.58 -10.22
N GLU B 306 -18.43 3.63 -10.52
CA GLU B 306 -17.86 4.83 -11.11
C GLU B 306 -16.80 5.43 -10.21
N ARG B 307 -17.21 5.93 -9.06
CA ARG B 307 -16.26 6.49 -8.11
C ARG B 307 -15.06 5.56 -7.86
N GLU B 308 -15.28 4.24 -7.90
CA GLU B 308 -14.18 3.29 -7.72
C GLU B 308 -13.16 3.39 -8.85
N ASN B 309 -13.68 3.59 -10.06
CA ASN B 309 -12.85 3.62 -11.25
C ASN B 309 -12.20 4.97 -11.48
N ASN B 310 -13.00 6.03 -11.46
CA ASN B 310 -12.47 7.38 -11.44
C ASN B 310 -11.32 7.51 -10.44
N PHE B 311 -11.31 6.63 -9.45
CA PHE B 311 -10.16 6.54 -8.59
C PHE B 311 -9.05 5.77 -9.30
N ARG B 312 -9.38 4.67 -9.96
CA ARG B 312 -8.36 3.80 -10.55
C ARG B 312 -7.60 4.60 -11.60
N VAL B 313 -8.32 5.49 -12.27
CA VAL B 313 -7.71 6.36 -13.26
C VAL B 313 -6.87 7.41 -12.57
N ALA B 314 -7.52 8.30 -11.81
CA ALA B 314 -6.82 9.39 -11.16
C ALA B 314 -5.56 8.92 -10.42
N SER B 315 -5.52 7.63 -10.10
CA SER B 315 -4.37 7.09 -9.39
C SER B 315 -3.31 6.80 -10.41
N ASP B 316 -3.72 6.29 -11.56
CA ASP B 316 -2.81 6.02 -12.65
C ASP B 316 -2.23 7.33 -13.18
N THR B 317 -3.06 8.35 -13.32
CA THR B 317 -2.55 9.59 -13.90
C THR B 317 -1.59 10.28 -12.93
N VAL B 318 -1.79 10.09 -11.64
CA VAL B 318 -0.84 10.61 -10.67
C VAL B 318 0.44 9.77 -10.71
N HIS B 319 0.29 8.46 -10.84
CA HIS B 319 1.47 7.59 -10.85
C HIS B 319 2.40 8.02 -11.94
N GLU B 320 1.83 8.22 -13.13
CA GLU B 320 2.59 8.65 -14.30
C GLU B 320 3.19 10.03 -14.10
N MET B 321 2.51 10.91 -13.37
CA MET B 321 3.12 12.17 -12.96
C MET B 321 4.42 11.93 -12.19
N GLU B 322 4.45 10.88 -11.38
CA GLU B 322 5.60 10.62 -10.53
C GLU B 322 6.73 10.07 -11.37
N GLU B 323 6.39 9.20 -12.30
CA GLU B 323 7.38 8.59 -13.18
C GLU B 323 8.04 9.66 -14.08
N GLU B 324 7.23 10.58 -14.60
CA GLU B 324 7.72 11.66 -15.45
C GLU B 324 8.67 12.60 -14.74
N LEU B 325 8.33 12.96 -13.51
CA LEU B 325 9.22 13.77 -12.68
C LEU B 325 10.52 13.02 -12.35
N LYS B 326 10.47 11.69 -12.41
CA LYS B 326 11.68 10.89 -12.18
C LYS B 326 12.62 11.07 -13.35
N LYS B 327 12.09 11.03 -14.57
CA LYS B 327 12.85 11.31 -15.79
C LYS B 327 13.56 12.64 -15.74
N LEU B 328 12.80 13.72 -15.60
CA LEU B 328 13.35 15.05 -15.40
C LEU B 328 14.45 15.04 -14.32
N ARG B 329 14.23 14.27 -13.25
CA ARG B 329 15.21 14.13 -12.19
C ARG B 329 16.50 13.57 -12.75
N ASP B 330 16.37 12.61 -13.65
CA ASP B 330 17.50 11.88 -14.21
C ASP B 330 18.07 12.54 -15.46
N HIS B 331 17.85 13.84 -15.58
CA HIS B 331 18.30 14.59 -16.72
C HIS B 331 19.09 15.79 -16.23
N GLU B 332 18.50 16.56 -15.32
CA GLU B 332 19.18 17.71 -14.69
C GLU B 332 20.67 17.49 -14.28
N PRO B 333 21.07 16.25 -13.94
CA PRO B 333 22.52 16.06 -13.82
C PRO B 333 23.21 15.55 -15.11
N ASP B 334 22.46 14.93 -16.02
CA ASP B 334 23.05 14.52 -17.30
C ASP B 334 23.29 15.69 -18.27
N LEU B 335 22.29 16.57 -18.45
CA LEU B 335 22.51 17.78 -19.22
C LEU B 335 23.65 18.55 -18.61
N GLU B 336 23.63 18.69 -17.29
CA GLU B 336 24.60 19.54 -16.62
C GLU B 336 26.03 19.02 -16.70
N SER B 337 26.19 17.72 -16.96
CA SER B 337 27.51 17.15 -17.22
C SER B 337 27.98 17.46 -18.65
N GLN B 338 27.08 17.31 -19.63
CA GLN B 338 27.37 17.63 -21.03
C GLN B 338 27.72 19.11 -21.21
N ILE B 339 26.96 19.99 -20.55
CA ILE B 339 27.27 21.41 -20.52
C ILE B 339 28.61 21.63 -19.88
N SER B 340 29.00 20.74 -18.98
CA SER B 340 30.30 20.93 -18.35
C SER B 340 31.40 20.44 -19.27
N LYS B 341 31.17 19.35 -19.98
CA LYS B 341 32.20 18.79 -20.86
C LYS B 341 32.50 19.71 -22.05
N ALA B 342 31.46 20.37 -22.57
CA ALA B 342 31.67 21.28 -23.68
C ALA B 342 32.51 22.48 -23.26
N GLU B 343 32.05 23.24 -22.26
CA GLU B 343 32.86 24.34 -21.71
C GLU B 343 34.28 23.89 -21.35
N MET B 344 34.43 22.62 -20.97
CA MET B 344 35.71 22.10 -20.52
C MET B 344 36.59 21.76 -21.71
N GLU B 345 35.93 21.41 -22.82
CA GLU B 345 36.62 21.16 -24.08
C GLU B 345 36.89 22.48 -24.80
N ALA B 346 35.87 23.33 -24.90
CA ALA B 346 36.02 24.66 -25.46
C ALA B 346 37.20 25.43 -24.86
N ASP B 347 37.46 25.26 -23.57
CA ASP B 347 38.63 25.91 -22.97
C ASP B 347 39.95 25.24 -23.42
N SER B 348 39.93 23.91 -23.48
CA SER B 348 41.04 23.13 -24.04
C SER B 348 41.31 23.45 -25.53
N LEU B 349 40.26 23.71 -26.30
CA LEU B 349 40.40 24.11 -27.69
C LEU B 349 41.08 25.47 -27.75
N ALA B 350 40.50 26.47 -27.12
CA ALA B 350 41.06 27.82 -27.15
C ALA B 350 42.48 27.88 -26.57
N SER B 351 42.94 26.77 -26.01
CA SER B 351 44.33 26.66 -25.59
C SER B 351 45.20 26.13 -26.74
N GLU B 352 44.67 25.17 -27.50
CA GLU B 352 45.35 24.66 -28.69
C GLU B 352 45.41 25.71 -29.81
N LEU B 353 44.48 26.66 -29.79
CA LEU B 353 44.41 27.69 -30.82
C LEU B 353 45.52 28.72 -30.66
N THR B 354 45.69 29.23 -29.44
CA THR B 354 46.71 30.24 -29.18
C THR B 354 48.13 29.65 -29.30
N LEU B 355 48.24 28.34 -29.24
CA LEU B 355 49.53 27.67 -29.42
C LEU B 355 49.77 27.46 -30.90
N ALA B 356 48.70 27.46 -31.70
CA ALA B 356 48.88 27.30 -33.13
C ALA B 356 49.12 28.66 -33.80
N GLU B 357 48.52 29.71 -33.25
CA GLU B 357 48.67 31.08 -33.79
C GLU B 357 50.03 31.68 -33.44
N GLN B 358 50.93 30.84 -32.95
CA GLN B 358 52.30 31.22 -32.64
C GLN B 358 53.20 30.31 -33.42
N GLN B 359 52.63 29.22 -33.93
CA GLN B 359 53.35 28.35 -34.83
C GLN B 359 53.24 28.84 -36.28
N VAL B 360 52.15 29.53 -36.61
CA VAL B 360 52.07 30.17 -37.90
C VAL B 360 53.10 31.31 -37.97
N LYS B 361 53.15 32.13 -36.93
CA LYS B 361 54.10 33.23 -36.89
C LYS B 361 55.55 32.76 -37.01
N GLU B 362 55.79 31.51 -36.64
CA GLU B 362 57.16 30.99 -36.61
C GLU B 362 57.52 30.30 -37.91
N ALA B 363 56.54 29.63 -38.52
CA ALA B 363 56.76 28.96 -39.79
C ALA B 363 56.73 29.99 -40.92
N GLU B 364 56.06 31.10 -40.67
CA GLU B 364 56.03 32.17 -41.65
C GLU B 364 57.35 32.89 -41.61
N MET B 365 57.96 33.05 -40.44
CA MET B 365 59.28 33.69 -40.36
C MET B 365 60.37 32.77 -40.88
N ALA B 366 60.13 31.46 -40.85
CA ALA B 366 61.09 30.54 -41.42
C ALA B 366 61.03 30.61 -42.94
N TYR B 367 59.85 30.91 -43.46
CA TYR B 367 59.64 30.94 -44.91
C TYR B 367 60.24 32.20 -45.52
N VAL B 368 59.76 33.35 -45.06
CA VAL B 368 60.33 34.64 -45.39
C VAL B 368 61.85 34.64 -45.34
N LYS B 369 62.42 34.08 -44.28
CA LYS B 369 63.88 34.06 -44.18
C LYS B 369 64.50 33.35 -45.37
N ALA B 370 63.88 32.24 -45.78
CA ALA B 370 64.41 31.39 -46.84
C ALA B 370 64.07 31.88 -48.26
N VAL B 371 63.32 32.97 -48.34
CA VAL B 371 63.00 33.61 -49.62
C VAL B 371 63.83 34.88 -49.74
N SER B 372 64.00 35.58 -48.63
CA SER B 372 64.86 36.77 -48.59
C SER B 372 66.36 36.44 -48.60
N ASP B 373 66.68 35.15 -48.75
CA ASP B 373 68.07 34.73 -48.87
C ASP B 373 68.20 33.82 -50.09
N LYS B 374 68.79 34.34 -51.16
CA LYS B 374 68.90 33.62 -52.42
C LYS B 374 70.34 33.21 -52.72
N ALA B 375 71.18 33.33 -51.70
CA ALA B 375 72.61 33.01 -51.80
C ALA B 375 72.86 31.67 -52.50
N GLN B 376 72.51 30.58 -51.83
CA GLN B 376 72.70 29.27 -52.43
C GLN B 376 71.91 29.12 -53.71
N LEU B 377 70.87 29.90 -53.87
CA LEU B 377 70.08 29.79 -55.10
C LEU B 377 70.84 30.36 -56.29
N ASN B 378 71.37 31.57 -56.16
CA ASN B 378 72.19 32.18 -57.22
C ASN B 378 73.42 31.33 -57.56
N VAL B 379 74.08 30.82 -56.51
CA VAL B 379 75.25 29.93 -56.63
C VAL B 379 75.02 28.67 -57.47
N VAL B 380 74.03 27.86 -57.09
CA VAL B 380 73.69 26.66 -57.85
C VAL B 380 73.16 27.02 -59.23
N MET B 381 72.59 28.22 -59.36
CA MET B 381 72.05 28.70 -60.63
C MET B 381 73.12 28.99 -61.69
N LYS B 382 74.22 29.63 -61.26
CA LYS B 382 75.37 29.89 -62.12
C LYS B 382 76.02 28.58 -62.60
N ASN B 383 76.41 27.73 -61.66
CA ASN B 383 77.06 26.47 -61.97
C ASN B 383 76.25 25.59 -62.91
N LEU B 384 74.93 25.70 -62.88
CA LEU B 384 74.10 24.92 -63.79
C LEU B 384 74.28 25.38 -65.24
N GLU B 385 74.32 26.69 -65.46
CA GLU B 385 74.55 27.22 -66.82
C GLU B 385 76.01 27.12 -67.23
N ARG B 386 76.91 27.23 -66.26
CA ARG B 386 78.34 27.16 -66.54
C ARG B 386 78.69 25.80 -67.10
N LEU B 387 78.06 24.75 -66.58
CA LEU B 387 78.26 23.41 -67.10
C LEU B 387 77.45 23.18 -68.36
N ARG B 388 76.28 23.81 -68.45
CA ARG B 388 75.47 23.71 -69.67
C ARG B 388 76.26 24.24 -70.87
N GLY B 389 77.18 25.16 -70.58
CA GLY B 389 78.06 25.72 -71.59
C GLY B 389 79.33 24.91 -71.75
N GLU B 390 80.03 24.67 -70.64
CA GLU B 390 81.21 23.80 -70.63
C GLU B 390 80.92 22.53 -71.41
N TYR B 391 79.87 21.82 -71.04
CA TYR B 391 79.38 20.73 -71.89
C TYR B 391 79.19 21.22 -73.33
N ASN B 392 78.68 22.42 -73.51
CA ASN B 392 78.27 22.81 -74.86
C ASN B 392 79.43 23.23 -75.76
N ASP B 393 80.53 23.66 -75.12
CA ASP B 393 81.73 24.10 -75.84
C ASP B 393 82.96 23.20 -75.65
N LEU B 394 82.80 22.11 -74.89
CA LEU B 394 83.80 21.05 -74.83
C LEU B 394 83.68 20.15 -76.08
#